data_1JJR
#
_entry.id   1JJR
#
_cell.length_a   ?
_cell.length_b   ?
_cell.length_c   ?
_cell.angle_alpha   ?
_cell.angle_beta   ?
_cell.angle_gamma   ?
#
_entity_poly.entity_id   1
_entity_poly.type   'polypeptide(L)'
_entity_poly.pdbx_seq_one_letter_code
;MGSSHHHHHHSSGLVPRGSHMASPEGKVTKRKHDNEGSGSKRPKVEYSEEELKTHISKGTLGKFTVPMLKEACRAYGLKS
GLKKQELLEALTKHFQDKVEYSEEELKTHISKGTLGKFTVPMLKEACRAYGLKSGLKKQELLEALTKHFQD
;
_entity_poly.pdbx_strand_id   A
#
# COMPACT_ATOMS: atom_id res chain seq x y z
N LYS A 98 -9.83 -8.29 -9.27
CA LYS A 98 -9.76 -6.86 -9.67
C LYS A 98 -8.46 -6.21 -9.21
N VAL A 99 -7.93 -6.71 -8.08
CA VAL A 99 -6.68 -6.20 -7.52
C VAL A 99 -6.61 -4.68 -7.60
N GLU A 100 -7.74 -4.03 -7.37
CA GLU A 100 -7.82 -2.57 -7.41
C GLU A 100 -7.25 -1.93 -6.13
N TYR A 101 -6.71 -2.76 -5.23
CA TYR A 101 -6.15 -2.28 -3.99
C TYR A 101 -7.25 -1.77 -3.05
N SER A 102 -8.31 -2.55 -2.94
CA SER A 102 -9.42 -2.20 -2.08
C SER A 102 -9.03 -2.37 -0.61
N GLU A 103 -8.33 -3.47 -0.34
CA GLU A 103 -7.87 -3.78 1.02
C GLU A 103 -7.47 -5.25 1.11
N GLU A 104 -8.29 -6.11 0.53
CA GLU A 104 -8.03 -7.55 0.55
C GLU A 104 -6.64 -7.87 0.00
N GLU A 105 -6.39 -7.47 -1.25
CA GLU A 105 -5.09 -7.72 -1.86
C GLU A 105 -4.01 -7.06 -1.02
N LEU A 106 -4.31 -5.87 -0.52
CA LEU A 106 -3.38 -5.14 0.31
C LEU A 106 -3.05 -5.94 1.57
N LYS A 107 -4.09 -6.38 2.28
CA LYS A 107 -3.90 -7.17 3.49
C LYS A 107 -3.02 -8.38 3.17
N THR A 108 -3.35 -9.08 2.10
CA THR A 108 -2.59 -10.24 1.67
C THR A 108 -1.15 -9.85 1.39
N HIS A 109 -0.99 -8.74 0.68
CA HIS A 109 0.33 -8.22 0.34
C HIS A 109 1.11 -7.92 1.61
N ILE A 110 0.48 -7.19 2.53
CA ILE A 110 1.11 -6.84 3.79
C ILE A 110 1.60 -8.08 4.53
N SER A 111 0.79 -9.14 4.50
CA SER A 111 1.14 -10.39 5.15
C SER A 111 2.52 -10.89 4.72
N LYS A 112 2.58 -11.46 3.52
CA LYS A 112 3.84 -11.98 2.99
C LYS A 112 4.89 -10.87 2.85
N GLY A 113 4.50 -9.77 2.23
CA GLY A 113 5.41 -8.66 2.05
C GLY A 113 5.66 -8.34 0.58
N THR A 114 4.65 -8.56 -0.25
CA THR A 114 4.76 -8.29 -1.68
C THR A 114 4.15 -6.94 -2.04
N LEU A 115 3.51 -6.30 -1.06
CA LEU A 115 2.91 -5.00 -1.30
C LEU A 115 3.96 -3.98 -1.73
N GLY A 116 5.22 -4.27 -1.39
CA GLY A 116 6.31 -3.39 -1.76
C GLY A 116 6.93 -3.74 -3.10
N LYS A 117 6.17 -4.44 -3.94
CA LYS A 117 6.66 -4.82 -5.26
C LYS A 117 6.31 -3.74 -6.28
N PHE A 118 5.02 -3.41 -6.35
CA PHE A 118 4.54 -2.39 -7.27
C PHE A 118 5.35 -1.10 -7.18
N THR A 119 5.30 -0.31 -8.24
CA THR A 119 6.03 0.96 -8.28
C THR A 119 5.35 2.00 -7.39
N VAL A 120 5.77 3.25 -7.54
CA VAL A 120 5.19 4.34 -6.75
C VAL A 120 3.83 4.75 -7.31
N PRO A 121 3.71 4.93 -8.65
CA PRO A 121 2.45 5.32 -9.27
C PRO A 121 1.31 4.38 -8.87
N MET A 122 1.65 3.10 -8.68
CA MET A 122 0.67 2.10 -8.29
C MET A 122 0.39 2.17 -6.80
N LEU A 123 1.44 2.39 -6.02
CA LEU A 123 1.32 2.49 -4.57
C LEU A 123 0.41 3.66 -4.19
N LYS A 124 0.57 4.77 -4.90
CA LYS A 124 -0.24 5.95 -4.66
C LYS A 124 -1.73 5.59 -4.70
N GLU A 125 -2.08 4.66 -5.57
CA GLU A 125 -3.46 4.21 -5.72
C GLU A 125 -4.03 3.73 -4.39
N ALA A 126 -3.34 2.78 -3.78
CA ALA A 126 -3.78 2.24 -2.50
C ALA A 126 -3.91 3.35 -1.46
N CYS A 127 -2.92 4.25 -1.43
CA CYS A 127 -2.94 5.36 -0.49
C CYS A 127 -4.17 6.24 -0.72
N ARG A 128 -4.50 6.46 -2.00
CA ARG A 128 -5.66 7.27 -2.35
C ARG A 128 -6.94 6.63 -1.83
N ALA A 129 -6.98 5.30 -1.84
CA ALA A 129 -8.14 4.57 -1.35
C ALA A 129 -8.16 4.51 0.16
N TYR A 130 -6.97 4.52 0.76
CA TYR A 130 -6.85 4.48 2.22
C TYR A 130 -6.98 5.87 2.82
N GLY A 131 -6.59 6.88 2.05
CA GLY A 131 -6.67 8.25 2.53
C GLY A 131 -5.46 8.65 3.36
N LEU A 132 -4.34 7.98 3.12
CA LEU A 132 -3.10 8.27 3.85
C LEU A 132 -2.39 9.46 3.25
N LYS A 133 -1.17 9.70 3.70
CA LYS A 133 -0.37 10.82 3.19
C LYS A 133 0.59 10.36 2.10
N SER A 134 1.14 9.16 2.29
CA SER A 134 2.08 8.60 1.32
C SER A 134 3.39 9.39 1.31
N GLY A 135 4.35 8.92 0.52
CA GLY A 135 5.63 9.59 0.43
C GLY A 135 6.14 9.69 -0.99
N LEU A 136 6.84 10.77 -1.29
CA LEU A 136 7.38 10.99 -2.63
C LEU A 136 8.68 10.22 -2.83
N LYS A 137 8.58 8.89 -2.81
CA LYS A 137 9.75 8.04 -2.98
C LYS A 137 9.35 6.65 -3.47
N LYS A 138 8.77 5.85 -2.57
CA LYS A 138 8.33 4.49 -2.90
C LYS A 138 7.96 3.72 -1.64
N GLN A 139 8.96 3.14 -0.97
CA GLN A 139 8.74 2.38 0.25
C GLN A 139 7.86 3.15 1.22
N GLU A 140 7.95 4.47 1.19
CA GLU A 140 7.15 5.31 2.07
C GLU A 140 5.67 4.97 1.96
N LEU A 141 5.23 4.64 0.75
CA LEU A 141 3.85 4.26 0.51
C LEU A 141 3.52 3.01 1.30
N LEU A 142 4.40 2.01 1.22
CA LEU A 142 4.20 0.76 1.94
C LEU A 142 3.94 1.04 3.41
N GLU A 143 4.79 1.85 4.02
CA GLU A 143 4.65 2.21 5.42
C GLU A 143 3.25 2.72 5.70
N ALA A 144 2.81 3.71 4.94
CA ALA A 144 1.47 4.27 5.11
C ALA A 144 0.43 3.17 5.07
N LEU A 145 0.60 2.26 4.12
CA LEU A 145 -0.31 1.13 3.97
C LEU A 145 -0.21 0.20 5.17
N THR A 146 0.99 -0.29 5.41
CA THR A 146 1.24 -1.20 6.52
C THR A 146 0.65 -0.63 7.81
N LYS A 147 1.06 0.59 8.16
CA LYS A 147 0.57 1.26 9.36
C LYS A 147 -0.96 1.19 9.44
N HIS A 148 -1.62 1.26 8.28
CA HIS A 148 -3.07 1.22 8.22
C HIS A 148 -3.60 -0.21 8.36
N PHE A 149 -2.70 -1.18 8.43
CA PHE A 149 -3.11 -2.58 8.55
C PHE A 149 -2.08 -3.37 9.36
N GLN A 150 -1.36 -2.69 10.25
CA GLN A 150 -0.35 -3.34 11.07
C GLN A 150 0.09 -2.43 12.21
N ASP A 151 0.01 -2.93 13.43
CA ASP A 151 0.40 -2.17 14.61
C ASP A 151 1.92 -2.19 14.80
N LYS A 98 -10.97 -8.03 -7.04
CA LYS A 98 -10.62 -6.71 -7.63
C LYS A 98 -9.28 -6.21 -7.10
N VAL A 99 -8.25 -6.25 -7.95
CA VAL A 99 -6.92 -5.80 -7.56
C VAL A 99 -6.80 -4.27 -7.57
N GLU A 100 -7.88 -3.58 -7.21
CA GLU A 100 -7.88 -2.12 -7.19
C GLU A 100 -7.19 -1.58 -5.93
N TYR A 101 -6.65 -2.47 -5.11
CA TYR A 101 -5.96 -2.07 -3.87
C TYR A 101 -6.96 -1.55 -2.86
N SER A 102 -8.01 -2.32 -2.61
CA SER A 102 -9.04 -1.95 -1.65
C SER A 102 -8.50 -2.04 -0.23
N GLU A 103 -7.85 -3.18 0.06
CA GLU A 103 -7.26 -3.43 1.36
C GLU A 103 -6.87 -4.90 1.50
N GLU A 104 -7.74 -5.78 1.02
CA GLU A 104 -7.49 -7.22 1.08
C GLU A 104 -6.16 -7.58 0.43
N GLU A 105 -6.01 -7.20 -0.83
CA GLU A 105 -4.77 -7.48 -1.56
C GLU A 105 -3.61 -6.81 -0.84
N LEU A 106 -3.85 -5.59 -0.38
CA LEU A 106 -2.83 -4.84 0.34
C LEU A 106 -2.43 -5.60 1.60
N LYS A 107 -3.41 -6.00 2.40
CA LYS A 107 -3.13 -6.76 3.62
C LYS A 107 -2.26 -7.96 3.28
N THR A 108 -2.67 -8.70 2.25
CA THR A 108 -1.91 -9.87 1.81
C THR A 108 -0.48 -9.45 1.51
N HIS A 109 -0.35 -8.31 0.84
CA HIS A 109 0.96 -7.77 0.51
C HIS A 109 1.74 -7.47 1.79
N ILE A 110 1.09 -6.79 2.72
CA ILE A 110 1.71 -6.45 4.00
C ILE A 110 2.18 -7.71 4.72
N SER A 111 1.32 -8.72 4.76
CA SER A 111 1.66 -9.98 5.41
C SER A 111 2.96 -10.56 4.87
N LYS A 112 2.90 -11.10 3.65
CA LYS A 112 4.07 -11.69 3.01
C LYS A 112 5.17 -10.66 2.81
N GLY A 113 4.98 -9.78 1.83
CA GLY A 113 5.96 -8.75 1.55
C GLY A 113 6.08 -8.42 0.07
N THR A 114 4.93 -8.43 -0.62
CA THR A 114 4.91 -8.13 -2.05
C THR A 114 4.46 -6.69 -2.29
N LEU A 115 3.98 -6.02 -1.23
CA LEU A 115 3.53 -4.64 -1.34
C LEU A 115 4.66 -3.75 -1.85
N GLY A 116 5.89 -4.19 -1.61
CA GLY A 116 7.04 -3.43 -2.05
C GLY A 116 7.46 -3.78 -3.47
N LYS A 117 6.58 -4.44 -4.21
CA LYS A 117 6.87 -4.83 -5.58
C LYS A 117 6.40 -3.74 -6.54
N PHE A 118 5.10 -3.43 -6.46
CA PHE A 118 4.51 -2.41 -7.32
C PHE A 118 5.32 -1.11 -7.27
N THR A 119 5.20 -0.31 -8.32
CA THR A 119 5.90 0.96 -8.41
C THR A 119 5.26 2.00 -7.50
N VAL A 120 5.67 3.25 -7.64
CA VAL A 120 5.13 4.33 -6.84
C VAL A 120 3.75 4.76 -7.35
N PRO A 121 3.60 4.95 -8.68
CA PRO A 121 2.32 5.35 -9.27
C PRO A 121 1.18 4.43 -8.84
N MET A 122 1.51 3.15 -8.67
CA MET A 122 0.52 2.16 -8.25
C MET A 122 0.31 2.24 -6.73
N LEU A 123 1.39 2.44 -6.01
CA LEU A 123 1.33 2.55 -4.55
C LEU A 123 0.45 3.72 -4.14
N LYS A 124 0.67 4.87 -4.77
CA LYS A 124 -0.13 6.05 -4.48
C LYS A 124 -1.62 5.75 -4.57
N GLU A 125 -1.97 4.84 -5.48
CA GLU A 125 -3.36 4.44 -5.67
C GLU A 125 -3.97 3.94 -4.36
N ALA A 126 -3.31 2.97 -3.74
CA ALA A 126 -3.78 2.41 -2.49
C ALA A 126 -3.91 3.50 -1.44
N CYS A 127 -3.01 4.48 -1.51
CA CYS A 127 -3.01 5.59 -0.57
C CYS A 127 -4.32 6.38 -0.66
N ARG A 128 -4.72 6.71 -1.89
CA ARG A 128 -5.95 7.47 -2.10
C ARG A 128 -7.16 6.70 -1.58
N ALA A 129 -7.07 5.37 -1.59
CA ALA A 129 -8.16 4.53 -1.12
C ALA A 129 -8.15 4.45 0.40
N TYR A 130 -6.96 4.47 0.98
CA TYR A 130 -6.80 4.39 2.42
C TYR A 130 -6.93 5.77 3.06
N GLY A 131 -6.63 6.81 2.29
CA GLY A 131 -6.73 8.16 2.80
C GLY A 131 -5.43 8.63 3.45
N LEU A 132 -4.32 8.02 3.04
CA LEU A 132 -3.02 8.38 3.58
C LEU A 132 -2.46 9.63 2.90
N LYS A 133 -1.16 9.87 3.08
CA LYS A 133 -0.53 11.04 2.49
C LYS A 133 0.88 10.69 2.00
N SER A 134 1.12 9.42 1.70
CA SER A 134 2.41 8.96 1.22
C SER A 134 2.58 9.29 -0.26
N GLY A 135 3.60 8.70 -0.87
CA GLY A 135 3.86 8.95 -2.28
C GLY A 135 5.10 9.78 -2.51
N LEU A 136 6.24 9.12 -2.62
CA LEU A 136 7.51 9.81 -2.85
C LEU A 136 8.55 8.85 -3.43
N LYS A 137 9.25 8.12 -2.56
CA LYS A 137 10.26 7.17 -3.01
C LYS A 137 9.60 5.85 -3.41
N LYS A 138 9.03 5.17 -2.42
CA LYS A 138 8.36 3.89 -2.64
C LYS A 138 8.03 3.23 -1.31
N GLN A 139 9.08 2.85 -0.58
CA GLN A 139 8.92 2.22 0.73
C GLN A 139 7.94 3.00 1.62
N GLU A 140 8.01 4.33 1.52
CA GLU A 140 7.14 5.20 2.31
C GLU A 140 5.67 4.84 2.10
N LEU A 141 5.31 4.54 0.87
CA LEU A 141 3.94 4.17 0.55
C LEU A 141 3.56 2.90 1.31
N LEU A 142 4.44 1.91 1.26
CA LEU A 142 4.22 0.65 1.97
C LEU A 142 3.88 0.93 3.43
N GLU A 143 4.73 1.71 4.09
CA GLU A 143 4.53 2.05 5.50
C GLU A 143 3.12 2.59 5.71
N ALA A 144 2.74 3.60 4.93
CA ALA A 144 1.41 4.19 5.04
C ALA A 144 0.35 3.11 4.96
N LEU A 145 0.54 2.19 4.01
CA LEU A 145 -0.37 1.08 3.82
C LEU A 145 -0.34 0.14 5.02
N THR A 146 0.84 -0.39 5.30
CA THR A 146 1.02 -1.31 6.42
C THR A 146 0.40 -0.72 7.68
N LYS A 147 0.83 0.49 8.04
CA LYS A 147 0.31 1.17 9.22
C LYS A 147 -1.22 1.09 9.27
N HIS A 148 -1.84 1.13 8.10
CA HIS A 148 -3.30 1.06 8.02
C HIS A 148 -3.82 -0.29 8.50
N PHE A 149 -3.32 -1.36 7.88
CA PHE A 149 -3.74 -2.71 8.25
C PHE A 149 -2.83 -3.32 9.31
N GLN A 150 -2.01 -2.48 9.95
CA GLN A 150 -1.10 -2.95 10.99
C GLN A 150 -1.87 -3.27 12.27
N ASP A 151 -2.02 -4.57 12.55
CA ASP A 151 -2.73 -5.00 13.75
C ASP A 151 -1.82 -4.95 14.97
N LYS A 98 -8.65 -8.69 -6.95
CA LYS A 98 -9.06 -7.28 -7.20
C LYS A 98 -7.85 -6.36 -7.23
N VAL A 99 -7.45 -5.94 -8.43
CA VAL A 99 -6.31 -5.05 -8.61
C VAL A 99 -6.64 -3.61 -8.23
N GLU A 100 -7.87 -3.37 -7.78
CA GLU A 100 -8.30 -2.03 -7.41
C GLU A 100 -7.66 -1.59 -6.09
N TYR A 101 -7.13 -2.54 -5.33
CA TYR A 101 -6.49 -2.24 -4.06
C TYR A 101 -7.51 -1.70 -3.06
N SER A 102 -8.57 -2.47 -2.84
CA SER A 102 -9.61 -2.07 -1.90
C SER A 102 -9.11 -2.19 -0.46
N GLU A 103 -8.48 -3.32 -0.16
CA GLU A 103 -7.94 -3.58 1.17
C GLU A 103 -7.54 -5.05 1.30
N GLU A 104 -8.39 -5.93 0.81
CA GLU A 104 -8.13 -7.37 0.88
C GLU A 104 -6.78 -7.71 0.27
N GLU A 105 -6.60 -7.38 -1.01
CA GLU A 105 -5.33 -7.65 -1.68
C GLU A 105 -4.21 -6.96 -0.94
N LEU A 106 -4.48 -5.75 -0.48
CA LEU A 106 -3.50 -4.97 0.27
C LEU A 106 -3.10 -5.72 1.54
N LYS A 107 -4.09 -6.12 2.33
CA LYS A 107 -3.83 -6.86 3.55
C LYS A 107 -2.98 -8.09 3.25
N THR A 108 -3.39 -8.83 2.23
CA THR A 108 -2.67 -10.03 1.81
C THR A 108 -1.24 -9.67 1.44
N HIS A 109 -1.09 -8.58 0.71
CA HIS A 109 0.22 -8.10 0.30
C HIS A 109 1.07 -7.81 1.52
N ILE A 110 0.50 -7.07 2.46
CA ILE A 110 1.20 -6.73 3.70
C ILE A 110 1.63 -7.99 4.45
N SER A 111 0.70 -8.93 4.59
CA SER A 111 0.96 -10.18 5.29
C SER A 111 2.19 -10.89 4.73
N LYS A 112 2.09 -11.33 3.48
CA LYS A 112 3.19 -12.04 2.83
C LYS A 112 4.44 -11.15 2.75
N GLY A 113 4.23 -9.87 2.48
CA GLY A 113 5.35 -8.95 2.37
C GLY A 113 5.57 -8.46 0.95
N THR A 114 4.51 -8.50 0.14
CA THR A 114 4.59 -8.05 -1.24
C THR A 114 4.08 -6.63 -1.39
N LEU A 115 3.40 -6.14 -0.36
CA LEU A 115 2.86 -4.77 -0.39
C LEU A 115 3.99 -3.76 -0.58
N GLY A 116 5.19 -4.12 -0.13
CA GLY A 116 6.33 -3.24 -0.27
C GLY A 116 7.04 -3.42 -1.61
N LYS A 117 6.39 -4.13 -2.54
CA LYS A 117 6.98 -4.36 -3.85
C LYS A 117 6.49 -3.34 -4.87
N PHE A 118 5.18 -3.09 -4.87
CA PHE A 118 4.57 -2.14 -5.81
C PHE A 118 5.37 -0.84 -5.90
N THR A 119 5.40 -0.27 -7.11
CA THR A 119 6.11 0.97 -7.35
C THR A 119 5.35 2.16 -6.75
N VAL A 120 5.78 3.36 -7.12
CA VAL A 120 5.16 4.58 -6.63
C VAL A 120 3.81 4.85 -7.32
N PRO A 121 3.79 4.94 -8.67
CA PRO A 121 2.55 5.21 -9.42
C PRO A 121 1.42 4.26 -9.02
N MET A 122 1.79 3.02 -8.70
CA MET A 122 0.79 2.02 -8.29
C MET A 122 0.41 2.22 -6.83
N LEU A 123 1.39 2.65 -6.04
CA LEU A 123 1.16 2.89 -4.61
C LEU A 123 0.11 3.97 -4.39
N LYS A 124 0.18 5.02 -5.20
CA LYS A 124 -0.78 6.12 -5.11
C LYS A 124 -2.22 5.61 -5.10
N GLU A 125 -2.46 4.57 -5.90
CA GLU A 125 -3.79 3.98 -6.00
C GLU A 125 -4.29 3.52 -4.64
N ALA A 126 -3.51 2.65 -3.98
CA ALA A 126 -3.89 2.15 -2.67
C ALA A 126 -4.05 3.30 -1.69
N CYS A 127 -3.12 4.24 -1.73
CA CYS A 127 -3.16 5.40 -0.85
C CYS A 127 -4.44 6.20 -1.10
N ARG A 128 -4.85 6.28 -2.36
CA ARG A 128 -6.04 7.01 -2.72
C ARG A 128 -7.27 6.38 -2.08
N ALA A 129 -7.28 5.06 -1.98
CA ALA A 129 -8.38 4.33 -1.38
C ALA A 129 -8.31 4.38 0.14
N TYR A 130 -7.08 4.43 0.67
CA TYR A 130 -6.88 4.49 2.12
C TYR A 130 -6.98 5.91 2.63
N GLY A 131 -6.70 6.88 1.76
CA GLY A 131 -6.77 8.27 2.16
C GLY A 131 -5.51 8.73 2.88
N LEU A 132 -4.40 8.06 2.64
CA LEU A 132 -3.14 8.40 3.27
C LEU A 132 -2.47 9.58 2.55
N LYS A 133 -1.35 10.05 3.09
CA LYS A 133 -0.62 11.15 2.50
C LYS A 133 0.53 10.64 1.64
N SER A 134 1.37 9.81 2.23
CA SER A 134 2.52 9.25 1.52
C SER A 134 3.27 10.30 0.72
N GLY A 135 4.15 9.86 -0.16
CA GLY A 135 4.91 10.80 -0.97
C GLY A 135 5.25 10.24 -2.34
N LEU A 136 6.53 9.98 -2.58
CA LEU A 136 6.98 9.44 -3.86
C LEU A 136 8.27 8.65 -3.71
N LYS A 137 8.64 8.34 -2.47
CA LYS A 137 9.85 7.57 -2.19
C LYS A 137 9.60 6.06 -2.30
N LYS A 138 8.40 5.70 -2.76
CA LYS A 138 8.02 4.29 -2.90
C LYS A 138 7.80 3.66 -1.54
N GLN A 139 8.88 3.30 -0.86
CA GLN A 139 8.79 2.69 0.47
C GLN A 139 7.84 3.48 1.37
N GLU A 140 7.90 4.80 1.27
CA GLU A 140 7.05 5.67 2.08
C GLU A 140 5.59 5.29 1.91
N LEU A 141 5.15 5.15 0.66
CA LEU A 141 3.78 4.76 0.37
C LEU A 141 3.51 3.39 0.97
N LEU A 142 4.41 2.45 0.67
CA LEU A 142 4.31 1.10 1.19
C LEU A 142 4.15 1.13 2.71
N GLU A 143 5.04 1.88 3.38
CA GLU A 143 4.99 2.01 4.83
C GLU A 143 3.62 2.50 5.27
N ALA A 144 3.16 3.59 4.67
CA ALA A 144 1.85 4.14 5.01
C ALA A 144 0.79 3.06 4.93
N LEU A 145 0.90 2.23 3.90
CA LEU A 145 -0.04 1.13 3.71
C LEU A 145 0.10 0.12 4.82
N THR A 146 1.29 -0.47 4.93
CA THR A 146 1.57 -1.46 5.96
C THR A 146 1.15 -0.92 7.32
N LYS A 147 1.70 0.23 7.69
CA LYS A 147 1.38 0.87 8.96
C LYS A 147 -0.14 0.94 9.17
N HIS A 148 -0.88 1.09 8.08
CA HIS A 148 -2.34 1.17 8.15
C HIS A 148 -2.97 -0.19 8.49
N PHE A 149 -2.19 -1.26 8.35
CA PHE A 149 -2.68 -2.59 8.64
C PHE A 149 -1.57 -3.48 9.20
N GLN A 150 -0.67 -2.88 9.97
CA GLN A 150 0.45 -3.61 10.56
C GLN A 150 -0.04 -4.51 11.69
N ASP A 151 0.91 -5.20 12.34
CA ASP A 151 0.58 -6.09 13.43
C ASP A 151 1.80 -6.35 14.31
N LYS A 98 -9.56 -7.72 -6.88
CA LYS A 98 -11.00 -7.38 -6.95
C LYS A 98 -11.25 -6.18 -7.85
N VAL A 99 -10.29 -5.26 -7.87
CA VAL A 99 -10.39 -4.06 -8.69
C VAL A 99 -9.01 -3.43 -8.90
N GLU A 100 -8.32 -3.17 -7.80
CA GLU A 100 -6.99 -2.57 -7.85
C GLU A 100 -6.28 -2.73 -6.52
N TYR A 101 -6.75 -2.01 -5.51
CA TYR A 101 -6.17 -2.05 -4.18
C TYR A 101 -7.19 -1.63 -3.13
N SER A 102 -8.12 -2.53 -2.84
CA SER A 102 -9.16 -2.26 -1.86
C SER A 102 -8.60 -2.29 -0.45
N GLU A 103 -7.97 -3.42 -0.12
CA GLU A 103 -7.36 -3.64 1.18
C GLU A 103 -6.97 -5.11 1.34
N GLU A 104 -7.81 -5.99 0.81
CA GLU A 104 -7.55 -7.42 0.90
C GLU A 104 -6.19 -7.75 0.29
N GLU A 105 -5.99 -7.36 -0.96
CA GLU A 105 -4.73 -7.60 -1.63
C GLU A 105 -3.62 -6.91 -0.87
N LEU A 106 -3.88 -5.68 -0.45
CA LEU A 106 -2.92 -4.90 0.31
C LEU A 106 -2.55 -5.65 1.59
N LYS A 107 -3.58 -6.07 2.33
CA LYS A 107 -3.36 -6.81 3.57
C LYS A 107 -2.44 -7.99 3.32
N THR A 108 -2.76 -8.75 2.28
CA THR A 108 -1.96 -9.90 1.90
C THR A 108 -0.53 -9.47 1.64
N HIS A 109 -0.40 -8.34 0.95
CA HIS A 109 0.91 -7.77 0.64
C HIS A 109 1.66 -7.47 1.92
N ILE A 110 0.98 -6.79 2.85
CA ILE A 110 1.58 -6.44 4.14
C ILE A 110 2.07 -7.69 4.86
N SER A 111 1.21 -8.70 4.93
CA SER A 111 1.55 -9.96 5.59
C SER A 111 2.84 -10.55 5.05
N LYS A 112 2.78 -11.09 3.84
CA LYS A 112 3.95 -11.69 3.20
C LYS A 112 5.07 -10.68 3.01
N GLY A 113 4.91 -9.79 2.04
CA GLY A 113 5.92 -8.78 1.78
C GLY A 113 6.05 -8.44 0.30
N THR A 114 4.92 -8.45 -0.41
CA THR A 114 4.91 -8.13 -1.84
C THR A 114 4.47 -6.69 -2.06
N LEU A 115 3.97 -6.04 -1.00
CA LEU A 115 3.53 -4.66 -1.11
C LEU A 115 4.67 -3.76 -1.57
N GLY A 116 5.90 -4.23 -1.36
CA GLY A 116 7.06 -3.48 -1.77
C GLY A 116 7.51 -3.79 -3.19
N LYS A 117 6.63 -4.46 -3.95
CA LYS A 117 6.95 -4.82 -5.32
C LYS A 117 6.49 -3.71 -6.27
N PHE A 118 5.21 -3.39 -6.20
CA PHE A 118 4.64 -2.34 -7.03
C PHE A 118 5.46 -1.06 -6.98
N THR A 119 5.42 -0.29 -8.05
CA THR A 119 6.16 0.97 -8.13
C THR A 119 5.51 2.03 -7.26
N VAL A 120 5.90 3.28 -7.49
CA VAL A 120 5.36 4.41 -6.73
C VAL A 120 3.96 4.78 -7.23
N PRO A 121 3.81 5.11 -8.53
CA PRO A 121 2.51 5.48 -9.10
C PRO A 121 1.43 4.46 -8.76
N MET A 122 1.83 3.21 -8.59
CA MET A 122 0.90 2.14 -8.25
C MET A 122 0.57 2.17 -6.76
N LEU A 123 1.59 2.45 -5.96
CA LEU A 123 1.44 2.53 -4.51
C LEU A 123 0.46 3.64 -4.14
N LYS A 124 0.58 4.78 -4.81
CA LYS A 124 -0.30 5.92 -4.57
C LYS A 124 -1.77 5.50 -4.65
N GLU A 125 -2.05 4.54 -5.53
CA GLU A 125 -3.41 4.04 -5.70
C GLU A 125 -3.99 3.54 -4.38
N ALA A 126 -3.26 2.66 -3.71
CA ALA A 126 -3.70 2.12 -2.43
C ALA A 126 -3.96 3.24 -1.43
N CYS A 127 -2.96 4.10 -1.25
CA CYS A 127 -3.07 5.22 -0.33
C CYS A 127 -4.21 6.14 -0.75
N ARG A 128 -4.43 6.24 -2.06
CA ARG A 128 -5.50 7.07 -2.58
C ARG A 128 -6.85 6.54 -2.12
N ALA A 129 -6.97 5.22 -2.06
CA ALA A 129 -8.19 4.57 -1.62
C ALA A 129 -8.26 4.51 -0.10
N TYR A 130 -7.09 4.49 0.54
CA TYR A 130 -7.01 4.43 1.99
C TYR A 130 -7.16 5.83 2.60
N GLY A 131 -6.72 6.84 1.86
CA GLY A 131 -6.83 8.21 2.33
C GLY A 131 -5.60 8.65 3.13
N LEU A 132 -4.52 7.89 3.04
CA LEU A 132 -3.29 8.21 3.76
C LEU A 132 -2.48 9.26 3.01
N LYS A 133 -1.48 9.81 3.69
CA LYS A 133 -0.62 10.82 3.10
C LYS A 133 0.71 10.20 2.65
N SER A 134 0.67 9.47 1.54
CA SER A 134 1.85 8.83 1.00
C SER A 134 2.77 9.83 0.32
N GLY A 135 3.77 9.33 -0.40
CA GLY A 135 4.71 10.20 -1.08
C GLY A 135 5.10 9.68 -2.46
N LEU A 136 6.39 9.44 -2.64
CA LEU A 136 6.88 8.93 -3.92
C LEU A 136 8.21 8.18 -3.76
N LYS A 137 8.60 7.90 -2.52
CA LYS A 137 9.84 7.17 -2.26
C LYS A 137 9.62 5.66 -2.33
N LYS A 138 8.42 5.25 -2.75
CA LYS A 138 8.09 3.84 -2.86
C LYS A 138 7.97 3.21 -1.47
N GLN A 139 9.10 2.94 -0.84
CA GLN A 139 9.13 2.34 0.48
C GLN A 139 8.23 3.12 1.44
N GLU A 140 8.19 4.44 1.29
CA GLU A 140 7.38 5.29 2.14
C GLU A 140 5.90 4.96 2.00
N LEU A 141 5.47 4.64 0.78
CA LEU A 141 4.09 4.30 0.53
C LEU A 141 3.71 3.05 1.32
N LEU A 142 4.62 2.08 1.33
CA LEU A 142 4.41 0.85 2.07
C LEU A 142 4.03 1.15 3.51
N GLU A 143 4.87 1.93 4.19
CA GLU A 143 4.64 2.31 5.57
C GLU A 143 3.23 2.86 5.75
N ALA A 144 2.87 3.85 4.93
CA ALA A 144 1.53 4.42 5.00
C ALA A 144 0.49 3.32 4.96
N LEU A 145 0.69 2.37 4.06
CA LEU A 145 -0.21 1.24 3.91
C LEU A 145 -0.16 0.36 5.14
N THR A 146 1.01 -0.19 5.42
CA THR A 146 1.22 -1.06 6.56
C THR A 146 0.63 -0.41 7.82
N LYS A 147 1.02 0.82 8.08
CA LYS A 147 0.54 1.56 9.24
C LYS A 147 -0.98 1.47 9.33
N HIS A 148 -1.66 1.46 8.18
CA HIS A 148 -3.11 1.39 8.15
C HIS A 148 -3.63 -0.03 8.42
N PHE A 149 -2.71 -0.99 8.52
CA PHE A 149 -3.11 -2.38 8.78
C PHE A 149 -2.04 -3.10 9.60
N GLN A 150 -1.32 -2.34 10.41
CA GLN A 150 -0.27 -2.91 11.26
C GLN A 150 -0.88 -3.69 12.42
N ASP A 151 -0.96 -5.02 12.26
CA ASP A 151 -1.52 -5.88 13.28
C ASP A 151 -2.99 -5.53 13.55
N LYS A 98 -8.72 -7.15 -6.07
CA LYS A 98 -8.99 -5.71 -6.30
C LYS A 98 -7.76 -5.01 -6.88
N VAL A 99 -7.91 -4.48 -8.09
CA VAL A 99 -6.82 -3.77 -8.75
C VAL A 99 -6.58 -2.41 -8.13
N GLU A 100 -7.67 -1.78 -7.66
CA GLU A 100 -7.59 -0.47 -7.04
C GLU A 100 -7.04 -0.56 -5.61
N TYR A 101 -6.74 -1.78 -5.15
CA TYR A 101 -6.22 -1.97 -3.80
C TYR A 101 -7.25 -1.58 -2.76
N SER A 102 -8.17 -2.49 -2.47
CA SER A 102 -9.22 -2.24 -1.48
C SER A 102 -8.63 -2.25 -0.09
N GLU A 103 -7.92 -3.33 0.23
CA GLU A 103 -7.28 -3.51 1.53
C GLU A 103 -6.88 -4.96 1.72
N GLU A 104 -7.74 -5.86 1.26
CA GLU A 104 -7.48 -7.31 1.37
C GLU A 104 -6.16 -7.68 0.71
N GLU A 105 -6.03 -7.38 -0.57
CA GLU A 105 -4.81 -7.70 -1.28
C GLU A 105 -3.63 -7.00 -0.62
N LEU A 106 -3.88 -5.78 -0.15
CA LEU A 106 -2.87 -5.01 0.54
C LEU A 106 -2.40 -5.74 1.80
N LYS A 107 -3.36 -6.11 2.65
CA LYS A 107 -3.04 -6.83 3.88
C LYS A 107 -2.23 -8.08 3.54
N THR A 108 -2.72 -8.82 2.55
CA THR A 108 -2.03 -10.04 2.12
C THR A 108 -0.60 -9.71 1.71
N HIS A 109 -0.47 -8.62 0.97
CA HIS A 109 0.84 -8.15 0.53
C HIS A 109 1.71 -7.82 1.73
N ILE A 110 1.15 -7.02 2.64
CA ILE A 110 1.86 -6.63 3.85
C ILE A 110 2.28 -7.86 4.66
N SER A 111 1.37 -8.82 4.75
CA SER A 111 1.63 -10.06 5.50
C SER A 111 2.93 -10.73 5.05
N LYS A 112 2.89 -11.38 3.89
CA LYS A 112 4.05 -12.07 3.36
C LYS A 112 5.20 -11.11 3.11
N GLY A 113 4.93 -10.02 2.39
CA GLY A 113 5.97 -9.05 2.10
C GLY A 113 6.14 -8.80 0.61
N THR A 114 5.04 -8.50 -0.07
CA THR A 114 5.08 -8.22 -1.51
C THR A 114 4.48 -6.85 -1.82
N LEU A 115 3.96 -6.18 -0.80
CA LEU A 115 3.37 -4.86 -1.00
C LEU A 115 4.41 -3.88 -1.55
N GLY A 116 5.69 -4.22 -1.35
CA GLY A 116 6.76 -3.37 -1.84
C GLY A 116 7.23 -3.78 -3.22
N LYS A 117 6.37 -4.48 -3.96
CA LYS A 117 6.71 -4.92 -5.30
C LYS A 117 6.28 -3.87 -6.32
N PHE A 118 4.99 -3.56 -6.31
CA PHE A 118 4.43 -2.57 -7.23
C PHE A 118 5.26 -1.28 -7.21
N THR A 119 5.16 -0.50 -8.29
CA THR A 119 5.88 0.76 -8.40
C THR A 119 5.26 1.82 -7.51
N VAL A 120 5.70 3.06 -7.69
CA VAL A 120 5.20 4.19 -6.92
C VAL A 120 3.82 4.63 -7.42
N PRO A 121 3.69 4.96 -8.71
CA PRO A 121 2.40 5.40 -9.28
C PRO A 121 1.27 4.41 -8.96
N MET A 122 1.63 3.14 -8.83
CA MET A 122 0.67 2.10 -8.53
C MET A 122 0.35 2.11 -7.03
N LEU A 123 1.38 2.28 -6.22
CA LEU A 123 1.22 2.31 -4.77
C LEU A 123 0.33 3.48 -4.37
N LYS A 124 0.43 4.58 -5.10
CA LYS A 124 -0.37 5.77 -4.83
C LYS A 124 -1.85 5.43 -4.76
N GLU A 125 -2.29 4.52 -5.63
CA GLU A 125 -3.69 4.11 -5.68
C GLU A 125 -4.16 3.63 -4.32
N ALA A 126 -3.39 2.73 -3.71
CA ALA A 126 -3.71 2.18 -2.40
C ALA A 126 -3.85 3.30 -1.38
N CYS A 127 -2.88 4.20 -1.34
CA CYS A 127 -2.89 5.32 -0.42
C CYS A 127 -4.13 6.19 -0.66
N ARG A 128 -4.47 6.38 -1.93
CA ARG A 128 -5.62 7.19 -2.29
C ARG A 128 -6.90 6.57 -1.73
N ALA A 129 -6.95 5.24 -1.73
CA ALA A 129 -8.11 4.52 -1.20
C ALA A 129 -8.08 4.47 0.33
N TYR A 130 -6.86 4.47 0.87
CA TYR A 130 -6.68 4.44 2.32
C TYR A 130 -6.74 5.84 2.93
N GLY A 131 -7.05 6.84 2.10
CA GLY A 131 -7.11 8.21 2.58
C GLY A 131 -5.78 8.72 3.09
N LEU A 132 -4.70 8.03 2.72
CA LEU A 132 -3.37 8.42 3.15
C LEU A 132 -2.82 9.54 2.26
N LYS A 133 -1.61 10.00 2.58
CA LYS A 133 -0.98 11.06 1.81
C LYS A 133 -0.02 10.49 0.77
N SER A 134 0.59 9.35 1.11
CA SER A 134 1.54 8.69 0.21
C SER A 134 2.77 9.54 0.01
N GLY A 135 3.80 8.95 -0.61
CA GLY A 135 5.03 9.68 -0.85
C GLY A 135 5.76 9.18 -2.09
N LEU A 136 6.50 10.07 -2.74
CA LEU A 136 7.25 9.72 -3.94
C LEU A 136 8.56 9.02 -3.57
N LYS A 137 8.44 7.82 -3.00
CA LYS A 137 9.62 7.05 -2.60
C LYS A 137 9.33 5.55 -2.55
N LYS A 138 8.15 5.15 -3.02
CA LYS A 138 7.76 3.75 -3.01
C LYS A 138 7.59 3.22 -1.59
N GLN A 139 8.71 2.96 -0.92
CA GLN A 139 8.69 2.46 0.46
C GLN A 139 7.74 3.28 1.33
N GLU A 140 7.65 4.57 1.05
CA GLU A 140 6.78 5.46 1.81
C GLU A 140 5.33 5.00 1.72
N LEU A 141 4.90 4.61 0.52
CA LEU A 141 3.54 4.15 0.32
C LEU A 141 3.29 2.91 1.16
N LEU A 142 4.26 2.00 1.17
CA LEU A 142 4.17 0.78 1.96
C LEU A 142 3.82 1.12 3.40
N GLU A 143 4.63 2.01 4.00
CA GLU A 143 4.41 2.42 5.39
C GLU A 143 2.97 2.86 5.60
N ALA A 144 2.49 3.78 4.77
CA ALA A 144 1.12 4.25 4.89
C ALA A 144 0.15 3.08 4.91
N LEU A 145 0.40 2.12 4.01
CA LEU A 145 -0.43 0.93 3.93
C LEU A 145 -0.28 0.08 5.19
N THR A 146 0.96 -0.32 5.45
CA THR A 146 1.26 -1.13 6.62
C THR A 146 0.66 -0.51 7.87
N LYS A 147 1.04 0.74 8.14
CA LYS A 147 0.53 1.46 9.30
C LYS A 147 -0.99 1.37 9.39
N HIS A 148 -1.65 1.30 8.22
CA HIS A 148 -3.10 1.23 8.18
C HIS A 148 -3.61 -0.20 8.32
N PHE A 149 -2.69 -1.16 8.46
CA PHE A 149 -3.08 -2.56 8.61
C PHE A 149 -2.11 -3.31 9.51
N GLN A 150 -1.34 -2.57 10.32
CA GLN A 150 -0.37 -3.18 11.22
C GLN A 150 -1.07 -3.87 12.38
N ASP A 151 -1.52 -5.10 12.14
CA ASP A 151 -2.21 -5.87 13.18
C ASP A 151 -2.18 -7.36 12.85
N LYS A 98 -10.89 -5.51 -11.76
CA LYS A 98 -9.70 -5.23 -10.91
C LYS A 98 -10.08 -4.99 -9.46
N VAL A 99 -9.17 -5.31 -8.55
CA VAL A 99 -9.42 -5.13 -7.12
C VAL A 99 -9.36 -3.66 -6.74
N GLU A 100 -8.34 -2.97 -7.24
CA GLU A 100 -8.15 -1.54 -6.97
C GLU A 100 -7.60 -1.34 -5.56
N TYR A 101 -6.85 -2.31 -5.07
CA TYR A 101 -6.25 -2.23 -3.73
C TYR A 101 -7.31 -1.89 -2.69
N SER A 102 -8.22 -2.83 -2.45
CA SER A 102 -9.28 -2.64 -1.47
C SER A 102 -8.72 -2.72 -0.05
N GLU A 103 -8.02 -3.80 0.23
CA GLU A 103 -7.40 -4.03 1.52
C GLU A 103 -6.91 -5.47 1.62
N GLU A 104 -7.70 -6.40 1.09
CA GLU A 104 -7.34 -7.82 1.12
C GLU A 104 -5.99 -8.05 0.49
N GLU A 105 -5.83 -7.61 -0.76
CA GLU A 105 -4.56 -7.78 -1.46
C GLU A 105 -3.47 -7.06 -0.69
N LEU A 106 -3.79 -5.85 -0.22
CA LEU A 106 -2.84 -5.07 0.56
C LEU A 106 -2.43 -5.84 1.81
N LYS A 107 -3.42 -6.33 2.55
CA LYS A 107 -3.15 -7.10 3.76
C LYS A 107 -2.19 -8.24 3.44
N THR A 108 -2.49 -8.97 2.38
CA THR A 108 -1.65 -10.08 1.96
C THR A 108 -0.24 -9.56 1.68
N HIS A 109 -0.17 -8.42 0.99
CA HIS A 109 1.10 -7.80 0.67
C HIS A 109 1.86 -7.49 1.95
N ILE A 110 1.17 -6.84 2.88
CA ILE A 110 1.77 -6.48 4.17
C ILE A 110 2.32 -7.71 4.88
N SER A 111 1.52 -8.77 4.93
CA SER A 111 1.91 -10.01 5.59
C SER A 111 3.25 -10.52 5.04
N LYS A 112 3.21 -11.09 3.84
CA LYS A 112 4.41 -11.63 3.21
C LYS A 112 5.44 -10.52 2.97
N GLY A 113 5.16 -9.66 1.99
CA GLY A 113 6.08 -8.58 1.68
C GLY A 113 6.13 -8.28 0.20
N THR A 114 4.99 -8.34 -0.47
CA THR A 114 4.92 -8.07 -1.90
C THR A 114 4.44 -6.64 -2.17
N LEU A 115 3.97 -5.97 -1.12
CA LEU A 115 3.49 -4.60 -1.25
C LEU A 115 4.59 -3.69 -1.78
N GLY A 116 5.85 -4.12 -1.61
CA GLY A 116 6.97 -3.33 -2.07
C GLY A 116 7.44 -3.75 -3.45
N LYS A 117 6.59 -4.48 -4.17
CA LYS A 117 6.93 -4.94 -5.51
C LYS A 117 6.42 -3.94 -6.55
N PHE A 118 5.11 -3.69 -6.52
CA PHE A 118 4.48 -2.76 -7.46
C PHE A 118 5.25 -1.45 -7.51
N THR A 119 5.02 -0.67 -8.57
CA THR A 119 5.68 0.61 -8.75
C THR A 119 5.12 1.64 -7.79
N VAL A 120 5.57 2.88 -7.93
CA VAL A 120 5.12 3.97 -7.07
C VAL A 120 3.71 4.44 -7.46
N PRO A 121 3.50 4.84 -8.73
CA PRO A 121 2.18 5.29 -9.19
C PRO A 121 1.08 4.31 -8.82
N MET A 122 1.44 3.04 -8.71
CA MET A 122 0.49 1.99 -8.34
C MET A 122 0.24 2.01 -6.83
N LEU A 123 1.33 2.16 -6.08
CA LEU A 123 1.25 2.22 -4.62
C LEU A 123 0.38 3.39 -4.19
N LYS A 124 0.58 4.53 -4.85
CA LYS A 124 -0.20 5.74 -4.55
C LYS A 124 -1.69 5.42 -4.64
N GLU A 125 -2.04 4.53 -5.55
CA GLU A 125 -3.43 4.14 -5.75
C GLU A 125 -4.05 3.64 -4.45
N ALA A 126 -3.41 2.65 -3.83
CA ALA A 126 -3.91 2.10 -2.57
C ALA A 126 -4.02 3.21 -1.53
N CYS A 127 -3.00 4.04 -1.46
CA CYS A 127 -2.98 5.15 -0.51
C CYS A 127 -4.13 6.10 -0.78
N ARG A 128 -4.36 6.40 -2.06
CA ARG A 128 -5.43 7.28 -2.47
C ARG A 128 -6.79 6.71 -2.05
N ALA A 129 -6.90 5.39 -2.11
CA ALA A 129 -8.13 4.71 -1.73
C ALA A 129 -8.27 4.68 -0.21
N TYR A 130 -7.14 4.61 0.48
CA TYR A 130 -7.14 4.57 1.94
C TYR A 130 -7.21 5.99 2.52
N GLY A 131 -6.80 6.98 1.73
CA GLY A 131 -6.83 8.35 2.19
C GLY A 131 -5.52 8.78 2.82
N LEU A 132 -4.47 8.01 2.60
CA LEU A 132 -3.16 8.32 3.15
C LEU A 132 -2.45 9.36 2.30
N LYS A 133 -1.30 9.84 2.79
CA LYS A 133 -0.52 10.84 2.07
C LYS A 133 0.61 10.17 1.29
N SER A 134 1.37 9.32 1.96
CA SER A 134 2.47 8.61 1.35
C SER A 134 3.33 9.53 0.49
N GLY A 135 4.19 8.95 -0.34
CA GLY A 135 5.06 9.73 -1.20
C GLY A 135 6.51 9.61 -0.80
N LEU A 136 7.40 10.04 -1.70
CA LEU A 136 8.84 9.99 -1.44
C LEU A 136 9.37 8.57 -1.58
N LYS A 137 10.29 8.39 -2.53
CA LYS A 137 10.91 7.09 -2.79
C LYS A 137 9.87 6.06 -3.23
N LYS A 138 9.13 5.50 -2.28
CA LYS A 138 8.10 4.50 -2.57
C LYS A 138 7.71 3.77 -1.29
N GLN A 139 8.72 3.34 -0.53
CA GLN A 139 8.49 2.64 0.73
C GLN A 139 7.44 3.35 1.57
N GLU A 140 7.49 4.68 1.58
CA GLU A 140 6.54 5.47 2.35
C GLU A 140 5.11 5.01 2.07
N LEU A 141 4.86 4.62 0.82
CA LEU A 141 3.54 4.14 0.43
C LEU A 141 3.22 2.88 1.22
N LEU A 142 4.14 1.92 1.18
CA LEU A 142 3.97 0.68 1.92
C LEU A 142 3.65 0.98 3.38
N GLU A 143 4.51 1.78 4.00
CA GLU A 143 4.32 2.16 5.40
C GLU A 143 2.92 2.71 5.62
N ALA A 144 2.51 3.65 4.77
CA ALA A 144 1.18 4.23 4.88
C ALA A 144 0.14 3.13 4.93
N LEU A 145 0.28 2.16 4.04
CA LEU A 145 -0.62 1.02 3.98
C LEU A 145 -0.50 0.17 5.23
N THR A 146 0.70 -0.36 5.45
CA THR A 146 0.96 -1.19 6.61
C THR A 146 0.48 -0.50 7.88
N LYS A 147 0.92 0.73 8.09
CA LYS A 147 0.50 1.51 9.25
C LYS A 147 -1.01 1.46 9.43
N HIS A 148 -1.73 1.38 8.32
CA HIS A 148 -3.19 1.34 8.36
C HIS A 148 -3.71 -0.10 8.37
N PHE A 149 -2.83 -1.05 8.65
CA PHE A 149 -3.21 -2.46 8.69
C PHE A 149 -2.42 -3.24 9.74
N GLN A 150 -1.44 -2.59 10.36
CA GLN A 150 -0.63 -3.25 11.39
C GLN A 150 -1.42 -3.41 12.69
N ASP A 151 -1.54 -4.66 13.14
CA ASP A 151 -2.27 -4.95 14.37
C ASP A 151 -1.42 -4.67 15.59
N LYS A 98 -8.62 -6.03 -11.73
CA LYS A 98 -7.88 -5.10 -10.85
C LYS A 98 -8.61 -4.88 -9.52
N VAL A 99 -7.94 -5.20 -8.43
CA VAL A 99 -8.53 -5.04 -7.10
C VAL A 99 -8.58 -3.57 -6.70
N GLU A 100 -7.62 -2.79 -7.20
CA GLU A 100 -7.56 -1.36 -6.90
C GLU A 100 -7.05 -1.11 -5.48
N TYR A 101 -6.35 -2.10 -4.92
CA TYR A 101 -5.81 -1.99 -3.56
C TYR A 101 -6.88 -1.54 -2.59
N SER A 102 -7.96 -2.31 -2.50
CA SER A 102 -9.06 -2.00 -1.60
C SER A 102 -8.67 -2.25 -0.16
N GLU A 103 -8.01 -3.39 0.07
CA GLU A 103 -7.56 -3.79 1.41
C GLU A 103 -7.18 -5.26 1.42
N GLU A 104 -8.04 -6.10 0.82
CA GLU A 104 -7.79 -7.53 0.76
C GLU A 104 -6.43 -7.84 0.16
N GLU A 105 -6.19 -7.34 -1.05
CA GLU A 105 -4.92 -7.57 -1.71
C GLU A 105 -3.80 -7.00 -0.85
N LEU A 106 -4.06 -5.83 -0.27
CA LEU A 106 -3.09 -5.18 0.61
C LEU A 106 -2.75 -6.09 1.78
N LYS A 107 -3.78 -6.55 2.49
CA LYS A 107 -3.58 -7.44 3.62
C LYS A 107 -2.74 -8.64 3.20
N THR A 108 -3.12 -9.24 2.08
CA THR A 108 -2.40 -10.38 1.54
C THR A 108 -0.95 -9.99 1.30
N HIS A 109 -0.75 -8.80 0.75
CA HIS A 109 0.58 -8.30 0.48
C HIS A 109 1.37 -8.19 1.77
N ILE A 110 0.76 -7.60 2.80
CA ILE A 110 1.41 -7.44 4.08
C ILE A 110 1.89 -8.78 4.63
N SER A 111 1.03 -9.80 4.52
CA SER A 111 1.35 -11.14 5.00
C SER A 111 2.69 -11.62 4.42
N LYS A 112 2.67 -11.97 3.13
CA LYS A 112 3.87 -12.45 2.45
C LYS A 112 4.96 -11.39 2.44
N GLY A 113 4.61 -10.20 1.98
CA GLY A 113 5.57 -9.11 1.93
C GLY A 113 5.84 -8.64 0.50
N THR A 114 4.82 -8.71 -0.34
CA THR A 114 4.94 -8.29 -1.74
C THR A 114 4.38 -6.88 -1.93
N LEU A 115 3.82 -6.31 -0.89
CA LEU A 115 3.25 -4.96 -0.96
C LEU A 115 4.32 -3.95 -1.36
N GLY A 116 5.58 -4.28 -1.11
CA GLY A 116 6.67 -3.39 -1.45
C GLY A 116 7.31 -3.71 -2.78
N LYS A 117 6.58 -4.43 -3.63
CA LYS A 117 7.09 -4.80 -4.95
C LYS A 117 6.68 -3.77 -5.99
N PHE A 118 5.37 -3.55 -6.09
CA PHE A 118 4.83 -2.59 -7.04
C PHE A 118 5.56 -1.26 -6.96
N THR A 119 5.55 -0.51 -8.06
CA THR A 119 6.21 0.79 -8.12
C THR A 119 5.40 1.83 -7.33
N VAL A 120 5.68 3.11 -7.57
CA VAL A 120 4.98 4.18 -6.88
C VAL A 120 3.59 4.39 -7.47
N PRO A 121 3.49 4.55 -8.81
CA PRO A 121 2.20 4.73 -9.48
C PRO A 121 1.15 3.73 -8.98
N MET A 122 1.61 2.53 -8.64
CA MET A 122 0.72 1.48 -8.15
C MET A 122 0.41 1.70 -6.68
N LEU A 123 1.45 1.88 -5.87
CA LEU A 123 1.31 2.11 -4.44
C LEU A 123 0.48 3.36 -4.18
N LYS A 124 0.72 4.39 -4.98
CA LYS A 124 0.00 5.65 -4.86
C LYS A 124 -1.50 5.42 -4.85
N GLU A 125 -1.96 4.52 -5.73
CA GLU A 125 -3.38 4.20 -5.83
C GLU A 125 -3.96 3.80 -4.48
N ALA A 126 -3.34 2.80 -3.85
CA ALA A 126 -3.81 2.33 -2.54
C ALA A 126 -3.81 3.48 -1.53
N CYS A 127 -2.70 4.22 -1.49
CA CYS A 127 -2.57 5.35 -0.59
C CYS A 127 -3.62 6.41 -0.90
N ARG A 128 -3.88 6.63 -2.19
CA ARG A 128 -4.86 7.62 -2.60
C ARG A 128 -6.26 7.21 -2.14
N ALA A 129 -6.51 5.90 -2.15
CA ALA A 129 -7.80 5.38 -1.72
C ALA A 129 -7.99 5.54 -0.21
N TYR A 130 -6.94 5.23 0.54
CA TYR A 130 -6.98 5.34 1.99
C TYR A 130 -6.67 6.77 2.46
N GLY A 131 -6.09 7.56 1.57
CA GLY A 131 -5.75 8.93 1.91
C GLY A 131 -4.80 9.02 3.09
N LEU A 132 -3.74 8.20 3.05
CA LEU A 132 -2.76 8.20 4.12
C LEU A 132 -1.70 9.27 3.92
N LYS A 133 -1.97 10.22 3.03
CA LYS A 133 -1.04 11.31 2.74
C LYS A 133 0.30 10.80 2.18
N SER A 134 0.37 9.51 1.88
CA SER A 134 1.59 8.92 1.34
C SER A 134 1.70 9.18 -0.16
N GLY A 135 2.66 8.51 -0.80
CA GLY A 135 2.84 8.68 -2.22
C GLY A 135 3.89 9.72 -2.56
N LEU A 136 5.14 9.30 -2.64
CA LEU A 136 6.24 10.20 -2.95
C LEU A 136 7.46 9.43 -3.48
N LYS A 137 8.22 8.86 -2.56
CA LYS A 137 9.40 8.09 -2.93
C LYS A 137 9.02 6.68 -3.38
N LYS A 138 8.57 5.87 -2.42
CA LYS A 138 8.16 4.49 -2.72
C LYS A 138 7.81 3.76 -1.43
N GLN A 139 8.84 3.27 -0.73
CA GLN A 139 8.65 2.55 0.52
C GLN A 139 7.70 3.29 1.46
N GLU A 140 7.69 4.62 1.34
CA GLU A 140 6.83 5.45 2.18
C GLU A 140 5.37 5.00 2.07
N LEU A 141 4.98 4.57 0.89
CA LEU A 141 3.63 4.08 0.66
C LEU A 141 3.36 2.86 1.52
N LEU A 142 4.32 1.94 1.54
CA LEU A 142 4.21 0.73 2.35
C LEU A 142 3.84 1.08 3.78
N GLU A 143 4.62 1.98 4.38
CA GLU A 143 4.36 2.40 5.75
C GLU A 143 2.91 2.79 5.95
N ALA A 144 2.42 3.68 5.08
CA ALA A 144 1.03 4.14 5.16
C ALA A 144 0.08 2.94 5.16
N LEU A 145 0.30 2.03 4.22
CA LEU A 145 -0.54 0.83 4.12
C LEU A 145 -0.33 -0.06 5.34
N THR A 146 0.93 -0.33 5.67
CA THR A 146 1.26 -1.17 6.80
C THR A 146 0.56 -0.67 8.07
N LYS A 147 0.82 0.58 8.43
CA LYS A 147 0.20 1.17 9.62
C LYS A 147 -1.30 0.92 9.64
N HIS A 148 -1.91 0.83 8.45
CA HIS A 148 -3.34 0.59 8.34
C HIS A 148 -3.70 -0.85 8.71
N PHE A 149 -2.72 -1.74 8.61
CA PHE A 149 -2.94 -3.16 8.93
C PHE A 149 -1.69 -3.78 9.53
N GLN A 150 -1.05 -3.06 10.44
CA GLN A 150 0.17 -3.54 11.09
C GLN A 150 0.54 -2.66 12.28
N ASP A 151 0.60 -3.28 13.46
CA ASP A 151 0.94 -2.54 14.68
C ASP A 151 -0.11 -1.49 14.99
N LYS A 98 -10.38 -7.39 -10.57
CA LYS A 98 -9.63 -6.14 -10.27
C LYS A 98 -9.94 -5.64 -8.85
N VAL A 99 -9.01 -5.89 -7.93
CA VAL A 99 -9.19 -5.46 -6.55
C VAL A 99 -9.00 -3.95 -6.41
N GLU A 100 -8.03 -3.41 -7.14
CA GLU A 100 -7.76 -1.99 -7.11
C GLU A 100 -7.23 -1.56 -5.73
N TYR A 101 -6.54 -2.48 -5.07
CA TYR A 101 -5.98 -2.20 -3.74
C TYR A 101 -7.08 -1.79 -2.77
N SER A 102 -8.06 -2.67 -2.60
CA SER A 102 -9.17 -2.41 -1.69
C SER A 102 -8.70 -2.55 -0.25
N GLU A 103 -7.99 -3.64 0.03
CA GLU A 103 -7.46 -3.93 1.34
C GLU A 103 -7.01 -5.38 1.41
N GLU A 104 -7.80 -6.27 0.83
CA GLU A 104 -7.49 -7.70 0.81
C GLU A 104 -6.13 -7.94 0.19
N GLU A 105 -5.93 -7.44 -1.03
CA GLU A 105 -4.66 -7.62 -1.71
C GLU A 105 -3.56 -6.98 -0.88
N LEU A 106 -3.85 -5.79 -0.35
CA LEU A 106 -2.90 -5.08 0.49
C LEU A 106 -2.53 -5.93 1.70
N LYS A 107 -3.55 -6.41 2.41
CA LYS A 107 -3.34 -7.25 3.59
C LYS A 107 -2.45 -8.44 3.23
N THR A 108 -2.75 -9.06 2.11
CA THR A 108 -1.97 -10.20 1.65
C THR A 108 -0.53 -9.76 1.41
N HIS A 109 -0.39 -8.57 0.82
CA HIS A 109 0.92 -8.00 0.54
C HIS A 109 1.69 -7.80 1.83
N ILE A 110 1.06 -7.15 2.82
CA ILE A 110 1.71 -6.91 4.10
C ILE A 110 2.13 -8.22 4.74
N SER A 111 1.25 -9.21 4.66
CA SER A 111 1.52 -10.53 5.23
C SER A 111 2.83 -11.10 4.70
N LYS A 112 2.80 -11.59 3.46
CA LYS A 112 3.98 -12.17 2.84
C LYS A 112 5.09 -11.13 2.69
N GLY A 113 4.87 -10.16 1.82
CA GLY A 113 5.86 -9.11 1.59
C GLY A 113 5.97 -8.71 0.14
N THR A 114 4.84 -8.64 -0.55
CA THR A 114 4.82 -8.26 -1.96
C THR A 114 4.40 -6.80 -2.13
N LEU A 115 3.93 -6.18 -1.04
CA LEU A 115 3.49 -4.79 -1.09
C LEU A 115 4.65 -3.89 -1.52
N GLY A 116 5.87 -4.35 -1.30
CA GLY A 116 7.04 -3.58 -1.68
C GLY A 116 7.51 -3.90 -3.10
N LYS A 117 6.67 -4.61 -3.85
CA LYS A 117 7.00 -4.96 -5.22
C LYS A 117 6.46 -3.91 -6.18
N PHE A 118 5.17 -3.64 -6.10
CA PHE A 118 4.52 -2.66 -6.95
C PHE A 118 5.31 -1.36 -6.99
N THR A 119 5.18 -0.64 -8.10
CA THR A 119 5.89 0.63 -8.27
C THR A 119 5.25 1.73 -7.42
N VAL A 120 5.62 2.97 -7.70
CA VAL A 120 5.09 4.11 -6.96
C VAL A 120 3.67 4.45 -7.41
N PRO A 121 3.46 4.75 -8.72
CA PRO A 121 2.13 5.09 -9.23
C PRO A 121 1.07 4.11 -8.77
N MET A 122 1.47 2.86 -8.56
CA MET A 122 0.55 1.82 -8.10
C MET A 122 0.33 1.94 -6.59
N LEU A 123 1.42 2.20 -5.87
CA LEU A 123 1.36 2.35 -4.42
C LEU A 123 0.45 3.51 -4.04
N LYS A 124 0.68 4.67 -4.67
CA LYS A 124 -0.12 5.85 -4.40
C LYS A 124 -1.61 5.52 -4.52
N GLU A 125 -1.93 4.58 -5.39
CA GLU A 125 -3.31 4.17 -5.60
C GLU A 125 -3.95 3.70 -4.29
N ALA A 126 -3.29 2.76 -3.63
CA ALA A 126 -3.79 2.24 -2.36
C ALA A 126 -3.95 3.38 -1.34
N CYS A 127 -2.93 4.23 -1.25
CA CYS A 127 -2.96 5.35 -0.34
C CYS A 127 -4.13 6.28 -0.67
N ARG A 128 -4.34 6.50 -1.96
CA ARG A 128 -5.43 7.35 -2.41
C ARG A 128 -6.77 6.80 -1.95
N ALA A 129 -6.90 5.48 -1.95
CA ALA A 129 -8.13 4.82 -1.53
C ALA A 129 -8.27 4.87 -0.02
N TYR A 130 -7.14 4.74 0.68
CA TYR A 130 -7.13 4.77 2.15
C TYR A 130 -7.06 6.20 2.67
N GLY A 131 -7.15 7.18 1.77
CA GLY A 131 -7.09 8.57 2.19
C GLY A 131 -5.83 8.89 2.96
N LEU A 132 -4.73 8.24 2.61
CA LEU A 132 -3.45 8.46 3.27
C LEU A 132 -2.78 9.72 2.73
N LYS A 133 -1.51 9.91 3.11
CA LYS A 133 -0.75 11.07 2.66
C LYS A 133 0.70 10.70 2.38
N SER A 134 0.90 9.48 1.87
CA SER A 134 2.24 9.00 1.55
C SER A 134 2.75 9.62 0.25
N GLY A 135 3.77 9.02 -0.33
CA GLY A 135 4.34 9.54 -1.57
C GLY A 135 5.60 10.32 -1.35
N LEU A 136 6.74 9.72 -1.69
CA LEU A 136 8.04 10.38 -1.53
C LEU A 136 9.09 9.72 -2.41
N LYS A 137 9.04 8.39 -2.50
CA LYS A 137 9.99 7.65 -3.31
C LYS A 137 9.42 6.28 -3.69
N LYS A 138 8.96 5.54 -2.69
CA LYS A 138 8.38 4.21 -2.91
C LYS A 138 8.06 3.54 -1.57
N GLN A 139 9.09 3.04 -0.91
CA GLN A 139 8.92 2.37 0.38
C GLN A 139 8.05 3.20 1.32
N GLU A 140 8.09 4.52 1.16
CA GLU A 140 7.30 5.42 2.00
C GLU A 140 5.82 5.08 1.90
N LEU A 141 5.38 4.74 0.70
CA LEU A 141 3.98 4.39 0.48
C LEU A 141 3.62 3.16 1.30
N LEU A 142 4.49 2.15 1.26
CA LEU A 142 4.29 0.93 2.02
C LEU A 142 3.98 1.26 3.48
N GLU A 143 4.83 2.09 4.08
CA GLU A 143 4.66 2.49 5.47
C GLU A 143 3.24 3.02 5.70
N ALA A 144 2.85 4.01 4.92
CA ALA A 144 1.50 4.58 5.05
C ALA A 144 0.46 3.47 5.01
N LEU A 145 0.67 2.52 4.10
CA LEU A 145 -0.22 1.38 3.96
C LEU A 145 -0.18 0.50 5.20
N THR A 146 1.01 0.00 5.49
CA THR A 146 1.20 -0.87 6.64
C THR A 146 0.57 -0.24 7.89
N LYS A 147 0.97 0.99 8.19
CA LYS A 147 0.43 1.71 9.35
C LYS A 147 -1.09 1.63 9.38
N HIS A 148 -1.72 1.67 8.19
CA HIS A 148 -3.17 1.61 8.11
C HIS A 148 -3.68 0.17 8.11
N PHE A 149 -2.78 -0.78 8.33
CA PHE A 149 -3.16 -2.19 8.37
C PHE A 149 -2.27 -2.97 9.34
N GLN A 150 -1.59 -2.26 10.24
CA GLN A 150 -0.72 -2.89 11.21
C GLN A 150 -1.54 -3.60 12.29
N ASP A 151 -0.86 -4.34 13.16
CA ASP A 151 -1.52 -5.06 14.24
C ASP A 151 -2.52 -6.07 13.68
N LYS A 98 -12.78 -0.95 -8.76
CA LYS A 98 -11.35 -0.65 -8.56
C LYS A 98 -10.74 -1.58 -7.51
N VAL A 99 -10.83 -2.88 -7.75
CA VAL A 99 -10.29 -3.88 -6.83
C VAL A 99 -8.78 -4.03 -6.98
N GLU A 100 -8.09 -2.93 -7.26
CA GLU A 100 -6.64 -2.96 -7.42
C GLU A 100 -5.94 -3.05 -6.05
N TYR A 101 -6.49 -2.35 -5.08
CA TYR A 101 -5.93 -2.35 -3.73
C TYR A 101 -6.99 -1.97 -2.70
N SER A 102 -7.99 -2.83 -2.56
CA SER A 102 -9.08 -2.60 -1.62
C SER A 102 -8.61 -2.79 -0.18
N GLU A 103 -7.89 -3.87 0.06
CA GLU A 103 -7.38 -4.20 1.38
C GLU A 103 -6.88 -5.63 1.42
N GLU A 104 -7.68 -6.55 0.89
CA GLU A 104 -7.33 -7.97 0.87
C GLU A 104 -5.94 -8.18 0.28
N GLU A 105 -5.74 -7.76 -0.96
CA GLU A 105 -4.44 -7.91 -1.59
C GLU A 105 -3.39 -7.19 -0.76
N LEU A 106 -3.77 -6.02 -0.25
CA LEU A 106 -2.87 -5.24 0.59
C LEU A 106 -2.45 -6.04 1.80
N LYS A 107 -3.44 -6.56 2.54
CA LYS A 107 -3.17 -7.34 3.74
C LYS A 107 -2.25 -8.50 3.40
N THR A 108 -2.55 -9.20 2.32
CA THR A 108 -1.72 -10.32 1.89
C THR A 108 -0.30 -9.82 1.65
N HIS A 109 -0.22 -8.68 0.97
CA HIS A 109 1.06 -8.04 0.68
C HIS A 109 1.76 -7.68 1.99
N ILE A 110 1.04 -6.94 2.84
CA ILE A 110 1.58 -6.53 4.13
C ILE A 110 2.00 -7.74 4.96
N SER A 111 1.18 -8.79 4.92
CA SER A 111 1.46 -10.02 5.65
C SER A 111 2.83 -10.58 5.29
N LYS A 112 2.93 -11.17 4.10
CA LYS A 112 4.18 -11.75 3.62
C LYS A 112 5.26 -10.68 3.47
N GLY A 113 5.08 -9.81 2.49
CA GLY A 113 6.04 -8.75 2.26
C GLY A 113 6.20 -8.41 0.79
N THR A 114 5.10 -8.44 0.05
CA THR A 114 5.12 -8.13 -1.38
C THR A 114 4.63 -6.71 -1.63
N LEU A 115 4.08 -6.08 -0.60
CA LEU A 115 3.58 -4.71 -0.72
C LEU A 115 4.70 -3.76 -1.17
N GLY A 116 5.94 -4.17 -0.93
CA GLY A 116 7.07 -3.36 -1.32
C GLY A 116 7.63 -3.73 -2.68
N LYS A 117 6.84 -4.49 -3.45
CA LYS A 117 7.27 -4.91 -4.78
C LYS A 117 6.76 -3.93 -5.83
N PHE A 118 5.45 -3.72 -5.85
CA PHE A 118 4.83 -2.81 -6.81
C PHE A 118 5.55 -1.46 -6.84
N THR A 119 5.45 -0.77 -7.96
CA THR A 119 6.08 0.53 -8.13
C THR A 119 5.34 1.59 -7.33
N VAL A 120 5.70 2.85 -7.54
CA VAL A 120 5.06 3.96 -6.84
C VAL A 120 3.70 4.27 -7.46
N PRO A 121 3.60 4.37 -8.80
CA PRO A 121 2.33 4.66 -9.47
C PRO A 121 1.21 3.73 -9.00
N MET A 122 1.57 2.49 -8.72
CA MET A 122 0.61 1.50 -8.25
C MET A 122 0.33 1.68 -6.76
N LEU A 123 1.39 1.97 -6.01
CA LEU A 123 1.27 2.19 -4.57
C LEU A 123 0.35 3.36 -4.28
N LYS A 124 0.52 4.45 -5.03
CA LYS A 124 -0.31 5.63 -4.86
C LYS A 124 -1.79 5.27 -4.91
N GLU A 125 -2.12 4.27 -5.73
CA GLU A 125 -3.49 3.82 -5.87
C GLU A 125 -4.08 3.40 -4.53
N ALA A 126 -3.39 2.49 -3.84
CA ALA A 126 -3.85 2.02 -2.54
C ALA A 126 -4.01 3.19 -1.58
N CYS A 127 -2.98 4.02 -1.50
CA CYS A 127 -3.00 5.19 -0.62
C CYS A 127 -4.13 6.13 -1.03
N ARG A 128 -4.32 6.29 -2.33
CA ARG A 128 -5.36 7.17 -2.85
C ARG A 128 -6.75 6.67 -2.44
N ALA A 129 -6.90 5.35 -2.38
CA ALA A 129 -8.17 4.74 -1.99
C ALA A 129 -8.32 4.75 -0.48
N TYR A 130 -7.20 4.69 0.23
CA TYR A 130 -7.21 4.69 1.69
C TYR A 130 -7.27 6.11 2.24
N GLY A 131 -6.76 7.06 1.47
CA GLY A 131 -6.76 8.45 1.89
C GLY A 131 -5.49 8.83 2.63
N LEU A 132 -4.40 8.12 2.35
CA LEU A 132 -3.12 8.40 3.00
C LEU A 132 -2.41 9.56 2.31
N LYS A 133 -1.19 9.84 2.75
CA LYS A 133 -0.40 10.92 2.19
C LYS A 133 0.58 10.40 1.14
N SER A 134 0.94 9.13 1.26
CA SER A 134 1.87 8.50 0.32
C SER A 134 3.13 9.35 0.15
N GLY A 135 4.02 8.89 -0.74
CA GLY A 135 5.24 9.62 -0.99
C GLY A 135 5.96 9.16 -2.25
N LEU A 136 6.85 9.99 -2.76
CA LEU A 136 7.60 9.65 -3.97
C LEU A 136 8.76 8.72 -3.67
N LYS A 137 8.98 8.43 -2.39
CA LYS A 137 10.07 7.55 -1.98
C LYS A 137 9.69 6.07 -2.14
N LYS A 138 8.49 5.82 -2.64
CA LYS A 138 8.01 4.46 -2.84
C LYS A 138 7.80 3.75 -1.50
N GLN A 139 8.90 3.37 -0.85
CA GLN A 139 8.83 2.70 0.45
C GLN A 139 7.88 3.43 1.39
N GLU A 140 7.77 4.74 1.23
CA GLU A 140 6.90 5.54 2.07
C GLU A 140 5.45 5.08 1.94
N LEU A 141 5.07 4.67 0.73
CA LEU A 141 3.71 4.20 0.48
C LEU A 141 3.43 2.97 1.33
N LEU A 142 4.41 2.08 1.40
CA LEU A 142 4.29 0.86 2.19
C LEU A 142 3.86 1.19 3.61
N GLU A 143 4.63 2.06 4.27
CA GLU A 143 4.32 2.47 5.63
C GLU A 143 2.88 2.92 5.75
N ALA A 144 2.46 3.83 4.86
CA ALA A 144 1.09 4.32 4.88
C ALA A 144 0.11 3.15 4.86
N LEU A 145 0.39 2.19 3.99
CA LEU A 145 -0.45 1.00 3.87
C LEU A 145 -0.35 0.15 5.12
N THR A 146 0.87 -0.26 5.44
CA THR A 146 1.11 -1.08 6.62
C THR A 146 0.45 -0.45 7.84
N LYS A 147 0.79 0.81 8.10
CA LYS A 147 0.22 1.53 9.24
C LYS A 147 -1.30 1.38 9.28
N HIS A 148 -1.91 1.24 8.11
CA HIS A 148 -3.36 1.09 8.02
C HIS A 148 -3.83 -0.31 8.42
N PHE A 149 -2.90 -1.27 8.46
CA PHE A 149 -3.26 -2.63 8.82
C PHE A 149 -2.12 -3.32 9.56
N GLN A 150 -1.37 -2.55 10.34
CA GLN A 150 -0.25 -3.09 11.10
C GLN A 150 -0.74 -3.93 12.28
N ASP A 151 -0.40 -5.20 12.28
CA ASP A 151 -0.82 -6.11 13.34
C ASP A 151 -2.34 -6.22 13.41
N LYS A 98 -9.81 -4.54 -12.94
CA LYS A 98 -9.05 -3.65 -12.01
C LYS A 98 -8.48 -4.45 -10.84
N VAL A 99 -7.49 -3.88 -10.17
CA VAL A 99 -6.87 -4.53 -9.02
C VAL A 99 -7.79 -4.51 -7.80
N GLU A 100 -8.29 -3.32 -7.48
CA GLU A 100 -9.19 -3.13 -6.35
C GLU A 100 -8.41 -3.14 -5.03
N TYR A 101 -7.62 -2.09 -4.81
CA TYR A 101 -6.83 -1.97 -3.60
C TYR A 101 -7.68 -1.44 -2.45
N SER A 102 -8.64 -2.24 -2.01
CA SER A 102 -9.53 -1.85 -0.93
C SER A 102 -8.78 -1.87 0.40
N GLU A 103 -8.19 -3.02 0.69
CA GLU A 103 -7.42 -3.24 1.91
C GLU A 103 -7.12 -4.72 2.10
N GLU A 104 -8.05 -5.57 1.68
CA GLU A 104 -7.87 -7.01 1.79
C GLU A 104 -6.61 -7.46 1.06
N GLU A 105 -6.55 -7.20 -0.23
CA GLU A 105 -5.37 -7.57 -1.01
C GLU A 105 -4.15 -6.87 -0.45
N LEU A 106 -4.34 -5.63 -0.03
CA LEU A 106 -3.27 -4.86 0.57
C LEU A 106 -2.76 -5.54 1.83
N LYS A 107 -3.68 -5.87 2.72
CA LYS A 107 -3.33 -6.55 3.96
C LYS A 107 -2.56 -7.82 3.67
N THR A 108 -3.08 -8.61 2.72
CA THR A 108 -2.44 -9.85 2.32
C THR A 108 -1.02 -9.57 1.83
N HIS A 109 -0.89 -8.50 1.05
CA HIS A 109 0.39 -8.09 0.51
C HIS A 109 1.35 -7.79 1.66
N ILE A 110 0.87 -7.01 2.63
CA ILE A 110 1.68 -6.66 3.80
C ILE A 110 2.14 -7.91 4.54
N SER A 111 1.20 -8.81 4.80
CA SER A 111 1.49 -10.06 5.51
C SER A 111 2.65 -10.83 4.85
N LYS A 112 2.44 -11.25 3.61
CA LYS A 112 3.45 -12.00 2.88
C LYS A 112 4.73 -11.18 2.71
N GLY A 113 4.57 -9.88 2.55
CA GLY A 113 5.73 -9.02 2.39
C GLY A 113 5.86 -8.48 0.96
N THR A 114 4.76 -8.51 0.23
CA THR A 114 4.75 -8.02 -1.14
C THR A 114 4.21 -6.60 -1.22
N LEU A 115 3.51 -6.17 -0.17
CA LEU A 115 2.98 -4.81 -0.14
C LEU A 115 4.12 -3.83 -0.31
N GLY A 116 5.26 -4.17 0.28
CA GLY A 116 6.44 -3.34 0.17
C GLY A 116 7.27 -3.72 -1.03
N LYS A 117 6.63 -3.80 -2.18
CA LYS A 117 7.30 -4.18 -3.42
C LYS A 117 6.81 -3.32 -4.59
N PHE A 118 5.49 -3.16 -4.69
CA PHE A 118 4.88 -2.37 -5.75
C PHE A 118 5.58 -1.03 -5.93
N THR A 119 5.52 -0.49 -7.14
CA THR A 119 6.15 0.79 -7.45
C THR A 119 5.34 1.95 -6.85
N VAL A 120 5.70 3.16 -7.25
CA VAL A 120 5.03 4.35 -6.76
C VAL A 120 3.66 4.54 -7.43
N PRO A 121 3.61 4.63 -8.78
CA PRO A 121 2.35 4.81 -9.51
C PRO A 121 1.26 3.85 -9.03
N MET A 122 1.67 2.65 -8.63
CA MET A 122 0.73 1.66 -8.14
C MET A 122 0.37 1.93 -6.68
N LEU A 123 1.37 2.37 -5.92
CA LEU A 123 1.19 2.68 -4.51
C LEU A 123 0.17 3.80 -4.33
N LYS A 124 0.24 4.80 -5.21
CA LYS A 124 -0.67 5.94 -5.16
C LYS A 124 -2.12 5.49 -5.08
N GLU A 125 -2.48 4.51 -5.91
CA GLU A 125 -3.84 3.98 -5.92
C GLU A 125 -4.26 3.50 -4.54
N ALA A 126 -3.44 2.65 -3.93
CA ALA A 126 -3.72 2.13 -2.60
C ALA A 126 -3.89 3.26 -1.60
N CYS A 127 -3.00 4.23 -1.66
CA CYS A 127 -3.05 5.38 -0.76
C CYS A 127 -4.37 6.13 -0.92
N ARG A 128 -4.81 6.27 -2.17
CA ARG A 128 -6.06 6.96 -2.46
C ARG A 128 -7.24 6.22 -1.82
N ALA A 129 -7.16 4.89 -1.81
CA ALA A 129 -8.20 4.07 -1.23
C ALA A 129 -8.11 4.07 0.29
N TYR A 130 -6.89 4.20 0.80
CA TYR A 130 -6.65 4.22 2.24
C TYR A 130 -6.87 5.62 2.81
N GLY A 131 -6.77 6.63 1.95
CA GLY A 131 -6.95 8.00 2.40
C GLY A 131 -5.64 8.65 2.84
N LEU A 132 -4.52 8.01 2.54
CA LEU A 132 -3.21 8.52 2.91
C LEU A 132 -2.75 9.59 1.93
N LYS A 133 -1.53 10.08 2.12
CA LYS A 133 -0.97 11.11 1.25
C LYS A 133 0.52 10.88 1.03
N SER A 134 0.90 9.62 0.90
CA SER A 134 2.30 9.26 0.69
C SER A 134 2.72 9.50 -0.75
N GLY A 135 3.93 9.09 -1.10
CA GLY A 135 4.42 9.26 -2.46
C GLY A 135 5.76 9.97 -2.51
N LEU A 136 6.44 9.85 -3.65
CA LEU A 136 7.75 10.48 -3.84
C LEU A 136 8.80 9.84 -2.95
N LYS A 137 8.60 8.57 -2.60
CA LYS A 137 9.55 7.85 -1.76
C LYS A 137 9.43 6.33 -1.90
N LYS A 138 8.43 5.88 -2.65
CA LYS A 138 8.23 4.44 -2.85
C LYS A 138 7.94 3.74 -1.52
N GLN A 139 9.00 3.37 -0.81
CA GLN A 139 8.86 2.69 0.48
C GLN A 139 7.86 3.44 1.36
N GLU A 140 7.96 4.75 1.38
CA GLU A 140 7.07 5.58 2.19
C GLU A 140 5.62 5.17 1.98
N LEU A 141 5.22 4.99 0.73
CA LEU A 141 3.86 4.57 0.42
C LEU A 141 3.61 3.20 1.04
N LEU A 142 4.54 2.29 0.78
CA LEU A 142 4.46 0.94 1.33
C LEU A 142 4.25 0.99 2.84
N GLU A 143 5.14 1.74 3.51
CA GLU A 143 5.04 1.89 4.96
C GLU A 143 3.66 2.36 5.36
N ALA A 144 3.20 3.43 4.72
CA ALA A 144 1.88 3.98 5.01
C ALA A 144 0.81 2.90 4.93
N LEU A 145 0.92 2.05 3.91
CA LEU A 145 -0.02 0.96 3.72
C LEU A 145 0.10 -0.04 4.85
N THR A 146 1.31 -0.55 5.04
CA THR A 146 1.57 -1.52 6.09
C THR A 146 1.02 -1.03 7.43
N LYS A 147 1.51 0.12 7.88
CA LYS A 147 1.04 0.70 9.14
C LYS A 147 -0.48 0.73 9.20
N HIS A 148 -1.12 0.85 8.03
CA HIS A 148 -2.57 0.90 7.96
C HIS A 148 -3.21 -0.44 8.32
N PHE A 149 -2.42 -1.51 8.26
CA PHE A 149 -2.92 -2.84 8.59
C PHE A 149 -1.83 -3.70 9.23
N GLN A 150 -1.02 -3.06 10.08
CA GLN A 150 0.05 -3.76 10.77
C GLN A 150 -0.50 -4.66 11.87
N ASP A 151 -0.28 -5.97 11.72
CA ASP A 151 -0.76 -6.94 12.69
C ASP A 151 0.18 -7.01 13.89
N LYS A 98 -7.23 -7.37 -9.09
CA LYS A 98 -6.64 -6.06 -8.73
C LYS A 98 -7.60 -5.23 -7.87
N VAL A 99 -8.88 -5.24 -8.26
CA VAL A 99 -9.92 -4.49 -7.55
C VAL A 99 -9.43 -3.11 -7.13
N GLU A 100 -8.57 -2.52 -7.96
CA GLU A 100 -8.03 -1.19 -7.70
C GLU A 100 -7.52 -1.07 -6.25
N TYR A 101 -6.90 -2.12 -5.76
CA TYR A 101 -6.35 -2.14 -4.40
C TYR A 101 -7.39 -1.67 -3.38
N SER A 102 -8.35 -2.54 -3.07
CA SER A 102 -9.39 -2.22 -2.10
C SER A 102 -8.82 -2.24 -0.68
N GLU A 103 -8.21 -3.37 -0.33
CA GLU A 103 -7.61 -3.58 0.97
C GLU A 103 -7.29 -5.05 1.17
N GLU A 104 -8.15 -5.92 0.65
CA GLU A 104 -7.95 -7.36 0.78
C GLU A 104 -6.61 -7.77 0.19
N GLU A 105 -6.39 -7.44 -1.08
CA GLU A 105 -5.14 -7.78 -1.73
C GLU A 105 -3.99 -7.11 -1.00
N LEU A 106 -4.21 -5.86 -0.61
CA LEU A 106 -3.22 -5.10 0.13
C LEU A 106 -2.88 -5.82 1.44
N LYS A 107 -3.93 -6.16 2.19
CA LYS A 107 -3.75 -6.86 3.46
C LYS A 107 -2.91 -8.12 3.24
N THR A 108 -3.29 -8.90 2.24
CA THR A 108 -2.56 -10.12 1.91
C THR A 108 -1.11 -9.81 1.58
N HIS A 109 -0.92 -8.74 0.81
CA HIS A 109 0.41 -8.30 0.43
C HIS A 109 1.22 -7.97 1.67
N ILE A 110 0.62 -7.19 2.57
CA ILE A 110 1.29 -6.81 3.81
C ILE A 110 1.71 -8.04 4.60
N SER A 111 0.78 -8.99 4.75
CA SER A 111 1.05 -10.22 5.49
C SER A 111 2.27 -10.95 4.94
N LYS A 112 2.19 -11.38 3.69
CA LYS A 112 3.29 -12.09 3.05
C LYS A 112 4.55 -11.23 2.98
N GLY A 113 4.38 -9.98 2.57
CA GLY A 113 5.51 -9.08 2.47
C GLY A 113 5.75 -8.59 1.04
N THR A 114 4.72 -8.67 0.22
CA THR A 114 4.81 -8.23 -1.17
C THR A 114 4.25 -6.82 -1.34
N LEU A 115 3.60 -6.32 -0.30
CA LEU A 115 3.03 -4.97 -0.36
C LEU A 115 4.13 -3.95 -0.63
N GLY A 116 5.36 -4.32 -0.29
CA GLY A 116 6.49 -3.43 -0.52
C GLY A 116 7.08 -3.61 -1.90
N LYS A 117 6.33 -4.24 -2.80
CA LYS A 117 6.79 -4.47 -4.16
C LYS A 117 6.29 -3.39 -5.11
N PHE A 118 5.00 -3.06 -5.00
CA PHE A 118 4.38 -2.05 -5.85
C PHE A 118 5.23 -0.79 -5.98
N THR A 119 5.21 -0.20 -7.16
CA THR A 119 5.96 1.03 -7.43
C THR A 119 5.28 2.23 -6.79
N VAL A 120 5.78 3.42 -7.09
CA VAL A 120 5.24 4.66 -6.54
C VAL A 120 3.92 5.03 -7.23
N PRO A 121 3.85 4.94 -8.57
CA PRO A 121 2.63 5.27 -9.33
C PRO A 121 1.45 4.39 -8.93
N MET A 122 1.75 3.11 -8.69
CA MET A 122 0.72 2.16 -8.30
C MET A 122 0.39 2.29 -6.82
N LEU A 123 1.39 2.66 -6.03
CA LEU A 123 1.23 2.82 -4.60
C LEU A 123 0.19 3.90 -4.28
N LYS A 124 0.26 5.01 -5.00
CA LYS A 124 -0.67 6.12 -4.80
C LYS A 124 -2.12 5.62 -4.83
N GLU A 125 -2.40 4.69 -5.73
CA GLU A 125 -3.75 4.13 -5.86
C GLU A 125 -4.24 3.55 -4.54
N ALA A 126 -3.44 2.67 -3.94
CA ALA A 126 -3.79 2.06 -2.67
C ALA A 126 -4.05 3.11 -1.61
N CYS A 127 -3.13 4.06 -1.48
CA CYS A 127 -3.26 5.12 -0.50
C CYS A 127 -4.52 5.94 -0.77
N ARG A 128 -4.84 6.12 -2.05
CA ARG A 128 -6.04 6.86 -2.44
C ARG A 128 -7.29 6.18 -1.91
N ALA A 129 -7.29 4.86 -1.94
CA ALA A 129 -8.42 4.08 -1.45
C ALA A 129 -8.40 3.96 0.07
N TYR A 130 -7.20 3.98 0.64
CA TYR A 130 -7.04 3.88 2.09
C TYR A 130 -7.21 5.24 2.76
N GLY A 131 -7.00 6.30 1.98
CA GLY A 131 -7.12 7.65 2.52
C GLY A 131 -5.84 8.14 3.16
N LEU A 132 -4.72 7.52 2.78
CA LEU A 132 -3.43 7.90 3.32
C LEU A 132 -2.86 9.13 2.61
N LYS A 133 -1.79 9.69 3.15
CA LYS A 133 -1.15 10.86 2.57
C LYS A 133 0.03 10.45 1.71
N SER A 134 0.76 9.45 2.16
CA SER A 134 1.93 8.94 1.44
C SER A 134 2.82 10.08 0.96
N GLY A 135 3.76 9.75 0.06
CA GLY A 135 4.65 10.76 -0.46
C GLY A 135 5.16 10.44 -1.85
N LEU A 136 6.47 10.28 -1.98
CA LEU A 136 7.08 9.97 -3.27
C LEU A 136 8.45 9.35 -3.09
N LYS A 137 8.48 8.10 -2.64
CA LYS A 137 9.73 7.39 -2.41
C LYS A 137 9.54 5.87 -2.47
N LYS A 138 8.37 5.44 -2.95
CA LYS A 138 8.06 4.02 -3.06
C LYS A 138 7.93 3.39 -1.67
N GLN A 139 9.05 3.00 -1.08
CA GLN A 139 9.06 2.38 0.24
C GLN A 139 8.17 3.15 1.20
N GLU A 140 8.21 4.47 1.12
CA GLU A 140 7.40 5.32 1.99
C GLU A 140 5.93 5.00 1.81
N LEU A 141 5.48 4.90 0.56
CA LEU A 141 4.09 4.56 0.29
C LEU A 141 3.80 3.18 0.84
N LEU A 142 4.71 2.25 0.55
CA LEU A 142 4.60 0.89 1.02
C LEU A 142 4.40 0.85 2.54
N GLU A 143 5.34 1.44 3.27
CA GLU A 143 5.25 1.48 4.72
C GLU A 143 3.93 2.11 5.15
N ALA A 144 3.57 3.22 4.50
CA ALA A 144 2.31 3.90 4.81
C ALA A 144 1.15 2.92 4.76
N LEU A 145 1.17 2.05 3.76
CA LEU A 145 0.13 1.05 3.59
C LEU A 145 0.15 0.07 4.74
N THR A 146 1.26 -0.66 4.85
CA THR A 146 1.43 -1.65 5.91
C THR A 146 1.01 -1.06 7.26
N LYS A 147 1.60 0.08 7.59
CA LYS A 147 1.29 0.76 8.85
C LYS A 147 -0.22 0.88 9.04
N HIS A 148 -0.94 1.10 7.95
CA HIS A 148 -2.39 1.25 7.99
C HIS A 148 -3.08 -0.09 8.23
N PHE A 149 -2.32 -1.18 8.19
CA PHE A 149 -2.88 -2.51 8.40
C PHE A 149 -1.86 -3.42 9.08
N GLN A 150 -1.03 -2.84 9.94
CA GLN A 150 -0.03 -3.60 10.66
C GLN A 150 0.57 -2.77 11.80
N ASP A 151 0.30 -3.20 13.04
CA ASP A 151 0.80 -2.49 14.20
C ASP A 151 0.79 -3.41 15.43
N LYS A 98 -12.82 -1.89 -9.59
CA LYS A 98 -11.41 -1.97 -10.05
C LYS A 98 -10.64 -3.04 -9.27
N VAL A 99 -10.99 -3.21 -8.00
CA VAL A 99 -10.34 -4.19 -7.14
C VAL A 99 -8.83 -4.22 -7.34
N GLU A 100 -8.25 -3.07 -7.68
CA GLU A 100 -6.82 -2.97 -7.91
C GLU A 100 -6.06 -2.97 -6.59
N TYR A 101 -6.56 -2.21 -5.62
CA TYR A 101 -5.95 -2.12 -4.30
C TYR A 101 -6.96 -1.65 -3.26
N SER A 102 -7.89 -2.54 -2.93
CA SER A 102 -8.93 -2.23 -1.95
C SER A 102 -8.35 -2.20 -0.54
N GLU A 103 -7.68 -3.29 -0.19
CA GLU A 103 -7.06 -3.44 1.12
C GLU A 103 -6.66 -4.90 1.35
N GLU A 104 -7.50 -5.82 0.90
CA GLU A 104 -7.23 -7.24 1.04
C GLU A 104 -5.89 -7.62 0.43
N GLU A 105 -5.73 -7.33 -0.86
CA GLU A 105 -4.48 -7.64 -1.55
C GLU A 105 -3.34 -6.91 -0.85
N LEU A 106 -3.60 -5.67 -0.46
CA LEU A 106 -2.61 -4.87 0.23
C LEU A 106 -2.19 -5.55 1.52
N LYS A 107 -3.18 -5.91 2.35
CA LYS A 107 -2.91 -6.59 3.61
C LYS A 107 -2.05 -7.81 3.36
N THR A 108 -2.44 -8.61 2.37
CA THR A 108 -1.68 -9.81 2.02
C THR A 108 -0.25 -9.42 1.68
N HIS A 109 -0.11 -8.32 0.94
CA HIS A 109 1.20 -7.80 0.57
C HIS A 109 1.98 -7.47 1.83
N ILE A 110 1.35 -6.72 2.72
CA ILE A 110 1.98 -6.32 3.98
C ILE A 110 2.42 -7.54 4.78
N SER A 111 1.51 -8.51 4.94
CA SER A 111 1.80 -9.73 5.68
C SER A 111 3.07 -10.41 5.17
N LYS A 112 2.97 -10.99 3.98
CA LYS A 112 4.11 -11.69 3.38
C LYS A 112 5.29 -10.74 3.16
N GLY A 113 5.19 -9.92 2.13
CA GLY A 113 6.26 -8.98 1.83
C GLY A 113 6.35 -8.63 0.36
N THR A 114 5.21 -8.55 -0.31
CA THR A 114 5.16 -8.22 -1.72
C THR A 114 4.78 -6.76 -1.93
N LEU A 115 4.29 -6.12 -0.87
CA LEU A 115 3.89 -4.72 -0.94
C LEU A 115 5.08 -3.84 -1.36
N GLY A 116 6.29 -4.32 -1.05
CA GLY A 116 7.49 -3.59 -1.41
C GLY A 116 7.97 -3.91 -2.81
N LYS A 117 7.20 -4.71 -3.53
CA LYS A 117 7.56 -5.10 -4.89
C LYS A 117 6.97 -4.12 -5.89
N PHE A 118 5.65 -3.93 -5.80
CA PHE A 118 4.95 -3.00 -6.69
C PHE A 118 5.65 -1.65 -6.75
N THR A 119 5.54 -0.99 -7.89
CA THR A 119 6.15 0.32 -8.07
C THR A 119 5.40 1.40 -7.31
N VAL A 120 5.69 2.66 -7.64
CA VAL A 120 5.04 3.79 -6.99
C VAL A 120 3.61 3.97 -7.51
N PRO A 121 3.42 4.15 -8.83
CA PRO A 121 2.09 4.33 -9.42
C PRO A 121 1.09 3.29 -8.90
N MET A 122 1.62 2.12 -8.53
CA MET A 122 0.78 1.05 -8.00
C MET A 122 0.45 1.33 -6.54
N LEU A 123 1.49 1.62 -5.76
CA LEU A 123 1.33 1.93 -4.34
C LEU A 123 0.46 3.17 -4.17
N LYS A 124 0.67 4.14 -5.05
CA LYS A 124 -0.10 5.39 -5.03
C LYS A 124 -1.60 5.11 -5.00
N GLU A 125 -2.02 4.17 -5.85
CA GLU A 125 -3.43 3.81 -5.94
C GLU A 125 -3.99 3.43 -4.56
N ALA A 126 -3.30 2.52 -3.88
CA ALA A 126 -3.72 2.08 -2.55
C ALA A 126 -3.81 3.27 -1.61
N CYS A 127 -2.80 4.14 -1.67
CA CYS A 127 -2.75 5.32 -0.82
C CYS A 127 -3.96 6.21 -1.07
N ARG A 128 -4.35 6.33 -2.34
CA ARG A 128 -5.50 7.15 -2.71
C ARG A 128 -6.78 6.61 -2.08
N ALA A 129 -6.86 5.29 -1.98
CA ALA A 129 -8.03 4.63 -1.40
C ALA A 129 -7.99 4.68 0.13
N TYR A 130 -6.78 4.64 0.69
CA TYR A 130 -6.60 4.68 2.13
C TYR A 130 -6.59 6.12 2.65
N GLY A 131 -6.14 7.04 1.81
CA GLY A 131 -6.08 8.45 2.20
C GLY A 131 -4.93 8.74 3.13
N LEU A 132 -3.82 8.03 2.94
CA LEU A 132 -2.63 8.21 3.78
C LEU A 132 -1.80 9.40 3.29
N LYS A 133 -0.71 9.69 4.02
CA LYS A 133 0.17 10.79 3.67
C LYS A 133 1.43 10.29 2.97
N SER A 134 1.30 9.95 1.70
CA SER A 134 2.42 9.46 0.92
C SER A 134 2.13 9.58 -0.58
N GLY A 135 2.90 8.86 -1.39
CA GLY A 135 2.70 8.91 -2.83
C GLY A 135 4.00 9.05 -3.59
N LEU A 136 4.97 9.75 -3.00
CA LEU A 136 6.26 9.96 -3.64
C LEU A 136 7.16 8.76 -3.48
N LYS A 137 7.67 8.55 -2.27
CA LYS A 137 8.56 7.43 -1.99
C LYS A 137 7.78 6.14 -1.77
N LYS A 138 7.90 5.21 -2.72
CA LYS A 138 7.22 3.92 -2.63
C LYS A 138 7.40 3.31 -1.25
N GLN A 139 8.65 3.19 -0.81
CA GLN A 139 8.94 2.63 0.50
C GLN A 139 8.06 3.29 1.56
N GLU A 140 7.84 4.59 1.39
CA GLU A 140 7.01 5.34 2.31
C GLU A 140 5.56 4.95 2.14
N LEU A 141 5.18 4.61 0.91
CA LEU A 141 3.82 4.17 0.62
C LEU A 141 3.51 2.91 1.39
N LEU A 142 4.48 1.98 1.41
CA LEU A 142 4.33 0.75 2.14
C LEU A 142 3.96 1.02 3.59
N GLU A 143 4.83 1.75 4.29
CA GLU A 143 4.60 2.11 5.68
C GLU A 143 3.20 2.67 5.87
N ALA A 144 2.82 3.60 4.99
CA ALA A 144 1.50 4.21 5.06
C ALA A 144 0.42 3.13 5.06
N LEU A 145 0.57 2.18 4.16
CA LEU A 145 -0.37 1.07 4.06
C LEU A 145 -0.28 0.19 5.29
N THR A 146 0.91 -0.31 5.57
CA THR A 146 1.16 -1.16 6.71
C THR A 146 0.58 -0.54 7.98
N LYS A 147 1.02 0.68 8.29
CA LYS A 147 0.54 1.38 9.47
C LYS A 147 -0.99 1.38 9.53
N HIS A 148 -1.62 1.32 8.36
CA HIS A 148 -3.08 1.32 8.28
C HIS A 148 -3.65 -0.09 8.34
N PHE A 149 -2.80 -1.08 8.54
CA PHE A 149 -3.26 -2.47 8.62
C PHE A 149 -2.42 -3.28 9.61
N GLN A 150 -1.61 -2.60 10.42
CA GLN A 150 -0.79 -3.28 11.40
C GLN A 150 -1.62 -3.76 12.58
N ASP A 151 -1.64 -5.08 12.79
CA ASP A 151 -2.41 -5.67 13.87
C ASP A 151 -3.89 -5.34 13.74
N LYS A 98 -8.70 -8.61 -7.31
CA LYS A 98 -9.61 -7.48 -6.96
C LYS A 98 -9.64 -6.43 -8.06
N VAL A 99 -10.23 -5.29 -7.76
CA VAL A 99 -10.32 -4.19 -8.72
C VAL A 99 -8.98 -3.49 -8.89
N GLU A 100 -8.31 -3.23 -7.76
CA GLU A 100 -7.02 -2.57 -7.78
C GLU A 100 -6.31 -2.71 -6.43
N TYR A 101 -6.85 -2.03 -5.43
CA TYR A 101 -6.28 -2.07 -4.09
C TYR A 101 -7.33 -1.69 -3.05
N SER A 102 -8.25 -2.61 -2.79
CA SER A 102 -9.31 -2.39 -1.82
C SER A 102 -8.77 -2.48 -0.41
N GLU A 103 -8.12 -3.60 -0.12
CA GLU A 103 -7.54 -3.86 1.19
C GLU A 103 -7.09 -5.32 1.28
N GLU A 104 -7.91 -6.22 0.75
CA GLU A 104 -7.60 -7.64 0.77
C GLU A 104 -6.25 -7.91 0.13
N GLU A 105 -6.08 -7.46 -1.10
CA GLU A 105 -4.82 -7.65 -1.80
C GLU A 105 -3.70 -6.98 -1.02
N LEU A 106 -4.00 -5.79 -0.52
CA LEU A 106 -3.05 -5.05 0.29
C LEU A 106 -2.63 -5.86 1.51
N LYS A 107 -3.62 -6.32 2.27
CA LYS A 107 -3.35 -7.12 3.45
C LYS A 107 -2.45 -8.30 3.08
N THR A 108 -2.82 -8.98 2.01
CA THR A 108 -2.04 -10.12 1.52
C THR A 108 -0.62 -9.67 1.20
N HIS A 109 -0.53 -8.52 0.53
CA HIS A 109 0.76 -7.95 0.18
C HIS A 109 1.57 -7.68 1.44
N ILE A 110 0.95 -7.01 2.39
CA ILE A 110 1.61 -6.69 3.66
C ILE A 110 2.07 -7.96 4.37
N SER A 111 1.19 -8.96 4.42
CA SER A 111 1.51 -10.23 5.06
C SER A 111 2.81 -10.83 4.54
N LYS A 112 2.76 -11.35 3.32
CA LYS A 112 3.94 -11.95 2.70
C LYS A 112 5.07 -10.93 2.54
N GLY A 113 4.86 -9.97 1.65
CA GLY A 113 5.85 -8.94 1.41
C GLY A 113 5.95 -8.54 -0.04
N THR A 114 4.80 -8.48 -0.71
CA THR A 114 4.75 -8.09 -2.12
C THR A 114 4.31 -6.64 -2.27
N LEU A 115 3.79 -6.06 -1.19
CA LEU A 115 3.33 -4.68 -1.22
C LEU A 115 4.49 -3.76 -1.59
N GLY A 116 5.69 -4.14 -1.17
CA GLY A 116 6.86 -3.34 -1.47
C GLY A 116 7.38 -3.56 -2.88
N LYS A 117 6.63 -4.33 -3.68
CA LYS A 117 7.03 -4.60 -5.05
C LYS A 117 6.46 -3.53 -5.99
N PHE A 118 5.16 -3.28 -5.86
CA PHE A 118 4.49 -2.27 -6.69
C PHE A 118 5.26 -0.95 -6.70
N THR A 119 5.17 -0.23 -7.80
CA THR A 119 5.84 1.06 -7.94
C THR A 119 5.14 2.13 -7.11
N VAL A 120 5.42 3.39 -7.41
CA VAL A 120 4.82 4.51 -6.70
C VAL A 120 3.36 4.71 -7.14
N PRO A 121 3.13 4.97 -8.44
CA PRO A 121 1.76 5.17 -8.96
C PRO A 121 0.80 4.10 -8.47
N MET A 122 1.34 2.90 -8.22
CA MET A 122 0.53 1.80 -7.73
C MET A 122 0.30 1.94 -6.23
N LEU A 123 1.36 2.28 -5.51
CA LEU A 123 1.28 2.49 -4.06
C LEU A 123 0.33 3.62 -3.74
N LYS A 124 0.51 4.75 -4.44
CA LYS A 124 -0.35 5.91 -4.25
C LYS A 124 -1.81 5.51 -4.38
N GLU A 125 -2.07 4.56 -5.27
CA GLU A 125 -3.42 4.06 -5.51
C GLU A 125 -4.06 3.58 -4.21
N ALA A 126 -3.39 2.63 -3.54
CA ALA A 126 -3.90 2.10 -2.29
C ALA A 126 -4.09 3.22 -1.27
N CYS A 127 -3.09 4.10 -1.18
CA CYS A 127 -3.16 5.22 -0.26
C CYS A 127 -4.34 6.13 -0.62
N ARG A 128 -4.52 6.36 -1.91
CA ARG A 128 -5.62 7.20 -2.38
C ARG A 128 -6.97 6.58 -2.02
N ALA A 129 -7.01 5.25 -2.06
CA ALA A 129 -8.24 4.52 -1.73
C ALA A 129 -8.54 4.61 -0.24
N TYR A 130 -7.48 4.55 0.56
CA TYR A 130 -7.62 4.62 2.02
C TYR A 130 -7.71 6.07 2.49
N GLY A 131 -7.17 6.99 1.68
CA GLY A 131 -7.20 8.39 2.04
C GLY A 131 -5.97 8.80 2.83
N LEU A 132 -4.88 8.06 2.65
CA LEU A 132 -3.63 8.35 3.34
C LEU A 132 -2.86 9.46 2.63
N LYS A 133 -1.64 9.73 3.10
CA LYS A 133 -0.80 10.77 2.51
C LYS A 133 0.64 10.28 2.41
N SER A 134 0.88 9.35 1.50
CA SER A 134 2.21 8.80 1.29
C SER A 134 3.09 9.77 0.51
N GLY A 135 4.27 9.31 0.11
CA GLY A 135 5.19 10.16 -0.63
C GLY A 135 5.45 9.66 -2.03
N LEU A 136 6.72 9.55 -2.39
CA LEU A 136 7.11 9.09 -3.72
C LEU A 136 8.42 8.29 -3.66
N LYS A 137 8.89 7.98 -2.45
CA LYS A 137 10.12 7.22 -2.29
C LYS A 137 9.86 5.72 -2.40
N LYS A 138 8.63 5.35 -2.75
CA LYS A 138 8.26 3.94 -2.88
C LYS A 138 8.16 3.28 -1.51
N GLN A 139 9.31 2.94 -0.93
CA GLN A 139 9.35 2.32 0.38
C GLN A 139 8.54 3.11 1.40
N GLU A 140 8.50 4.43 1.21
CA GLU A 140 7.76 5.30 2.11
C GLU A 140 6.27 5.01 2.05
N LEU A 141 5.77 4.75 0.85
CA LEU A 141 4.35 4.44 0.66
C LEU A 141 4.00 3.17 1.44
N LEU A 142 4.88 2.18 1.36
CA LEU A 142 4.70 0.93 2.07
C LEU A 142 4.39 1.18 3.54
N GLU A 143 5.25 1.95 4.18
CA GLU A 143 5.07 2.28 5.60
C GLU A 143 3.67 2.81 5.86
N ALA A 144 3.27 3.83 5.09
CA ALA A 144 1.94 4.41 5.25
C ALA A 144 0.89 3.33 5.15
N LEU A 145 1.06 2.43 4.19
CA LEU A 145 0.13 1.33 3.99
C LEU A 145 0.19 0.38 5.17
N THR A 146 1.38 -0.15 5.43
CA THR A 146 1.59 -1.06 6.54
C THR A 146 1.01 -0.48 7.82
N LYS A 147 1.51 0.70 8.20
CA LYS A 147 1.04 1.37 9.40
C LYS A 147 -0.48 1.43 9.45
N HIS A 148 -1.10 1.49 8.28
CA HIS A 148 -2.56 1.54 8.19
C HIS A 148 -3.19 0.18 8.48
N PHE A 149 -2.62 -0.86 7.89
CA PHE A 149 -3.14 -2.21 8.08
C PHE A 149 -2.44 -2.93 9.24
N GLN A 150 -1.55 -2.23 9.93
CA GLN A 150 -0.82 -2.81 11.05
C GLN A 150 -1.75 -2.97 12.26
N ASP A 151 -1.56 -4.06 13.00
CA ASP A 151 -2.38 -4.33 14.17
C ASP A 151 -1.87 -3.54 15.38
N LYS A 98 -8.59 -8.67 -9.79
CA LYS A 98 -8.86 -7.23 -9.98
C LYS A 98 -8.00 -6.37 -9.07
N VAL A 99 -7.01 -5.69 -9.65
CA VAL A 99 -6.12 -4.85 -8.88
C VAL A 99 -6.81 -3.55 -8.47
N GLU A 100 -7.88 -3.68 -7.69
CA GLU A 100 -8.65 -2.52 -7.23
C GLU A 100 -7.93 -1.82 -6.08
N TYR A 101 -7.38 -2.61 -5.17
CA TYR A 101 -6.68 -2.07 -4.00
C TYR A 101 -7.66 -1.35 -3.10
N SER A 102 -7.75 -1.82 -1.87
CA SER A 102 -8.65 -1.23 -0.88
C SER A 102 -8.29 -1.67 0.53
N GLU A 103 -7.79 -2.90 0.67
CA GLU A 103 -7.40 -3.42 1.97
C GLU A 103 -7.10 -4.92 1.90
N GLU A 104 -8.08 -5.70 1.44
CA GLU A 104 -7.92 -7.14 1.33
C GLU A 104 -6.66 -7.48 0.55
N GLU A 105 -6.55 -6.94 -0.66
CA GLU A 105 -5.39 -7.18 -1.49
C GLU A 105 -4.14 -6.67 -0.77
N LEU A 106 -4.28 -5.50 -0.14
CA LEU A 106 -3.19 -4.91 0.61
C LEU A 106 -2.73 -5.85 1.72
N LYS A 107 -3.69 -6.29 2.53
CA LYS A 107 -3.39 -7.22 3.63
C LYS A 107 -2.63 -8.42 3.10
N THR A 108 -3.14 -8.99 2.01
CA THR A 108 -2.50 -10.14 1.40
C THR A 108 -1.06 -9.78 1.03
N HIS A 109 -0.92 -8.60 0.43
CA HIS A 109 0.39 -8.10 0.04
C HIS A 109 1.26 -7.93 1.27
N ILE A 110 0.75 -7.21 2.26
CA ILE A 110 1.46 -6.98 3.50
C ILE A 110 1.83 -8.30 4.18
N SER A 111 0.93 -9.27 4.12
CA SER A 111 1.14 -10.59 4.72
C SER A 111 2.47 -11.18 4.26
N LYS A 112 2.51 -11.67 3.03
CA LYS A 112 3.71 -12.28 2.48
C LYS A 112 4.85 -11.28 2.43
N GLY A 113 4.74 -10.30 1.53
CA GLY A 113 5.78 -9.30 1.40
C GLY A 113 5.88 -8.74 -0.01
N THR A 114 4.75 -8.62 -0.69
CA THR A 114 4.73 -8.11 -2.05
C THR A 114 4.25 -6.65 -2.08
N LEU A 115 3.66 -6.21 -0.97
CA LEU A 115 3.16 -4.85 -0.86
C LEU A 115 4.29 -3.84 -1.09
N GLY A 116 5.52 -4.25 -0.79
CA GLY A 116 6.67 -3.37 -0.97
C GLY A 116 7.34 -3.54 -2.32
N LYS A 117 6.78 -4.40 -3.17
CA LYS A 117 7.34 -4.63 -4.48
C LYS A 117 6.70 -3.69 -5.51
N PHE A 118 5.39 -3.48 -5.36
CA PHE A 118 4.64 -2.60 -6.27
C PHE A 118 5.37 -1.28 -6.50
N THR A 119 5.13 -0.69 -7.67
CA THR A 119 5.75 0.58 -8.03
C THR A 119 5.13 1.73 -7.25
N VAL A 120 5.50 2.95 -7.63
CA VAL A 120 4.99 4.14 -6.97
C VAL A 120 3.55 4.43 -7.42
N PRO A 121 3.30 4.61 -8.74
CA PRO A 121 1.97 4.87 -9.26
C PRO A 121 0.97 3.83 -8.77
N MET A 122 1.47 2.62 -8.50
CA MET A 122 0.63 1.54 -8.01
C MET A 122 0.39 1.70 -6.52
N LEU A 123 1.46 1.99 -5.78
CA LEU A 123 1.37 2.21 -4.35
C LEU A 123 0.47 3.39 -4.04
N LYS A 124 0.64 4.47 -4.79
CA LYS A 124 -0.16 5.68 -4.61
C LYS A 124 -1.64 5.34 -4.62
N GLU A 125 -2.02 4.37 -5.45
CA GLU A 125 -3.42 3.95 -5.55
C GLU A 125 -3.95 3.54 -4.18
N ALA A 126 -3.24 2.63 -3.52
CA ALA A 126 -3.64 2.16 -2.21
C ALA A 126 -3.74 3.32 -1.23
N CYS A 127 -2.73 4.21 -1.26
CA CYS A 127 -2.72 5.37 -0.40
C CYS A 127 -3.96 6.23 -0.64
N ARG A 128 -4.32 6.36 -1.91
CA ARG A 128 -5.49 7.13 -2.29
C ARG A 128 -6.75 6.50 -1.71
N ALA A 129 -6.77 5.17 -1.66
CA ALA A 129 -7.90 4.44 -1.13
C ALA A 129 -7.96 4.55 0.39
N TYR A 130 -6.77 4.66 1.00
CA TYR A 130 -6.69 4.79 2.46
C TYR A 130 -6.88 6.24 2.87
N GLY A 131 -6.40 7.16 2.04
CA GLY A 131 -6.54 8.57 2.35
C GLY A 131 -5.27 9.15 2.97
N LEU A 132 -4.17 8.42 2.85
CA LEU A 132 -2.89 8.87 3.40
C LEU A 132 -2.22 9.86 2.47
N LYS A 133 -1.28 10.64 3.01
CA LYS A 133 -0.56 11.64 2.22
C LYS A 133 0.85 11.14 1.87
N SER A 134 1.00 9.83 1.78
CA SER A 134 2.30 9.23 1.46
C SER A 134 2.59 9.35 -0.03
N GLY A 135 3.68 8.71 -0.48
CA GLY A 135 4.04 8.76 -1.88
C GLY A 135 5.37 9.45 -2.13
N LEU A 136 5.47 10.14 -3.25
CA LEU A 136 6.68 10.85 -3.63
C LEU A 136 7.80 9.87 -3.96
N LYS A 137 8.27 9.17 -2.94
CA LYS A 137 9.34 8.19 -3.10
C LYS A 137 8.78 6.84 -3.58
N LYS A 138 8.54 5.94 -2.62
CA LYS A 138 7.99 4.62 -2.93
C LYS A 138 7.76 3.84 -1.64
N GLN A 139 8.85 3.61 -0.90
CA GLN A 139 8.77 2.89 0.37
C GLN A 139 7.77 3.56 1.30
N GLU A 140 7.87 4.87 1.41
CA GLU A 140 6.98 5.66 2.27
C GLU A 140 5.54 5.20 2.11
N LEU A 141 5.16 4.82 0.90
CA LEU A 141 3.81 4.34 0.64
C LEU A 141 3.55 3.07 1.43
N LEU A 142 4.53 2.18 1.41
CA LEU A 142 4.44 0.92 2.14
C LEU A 142 4.05 1.19 3.60
N GLU A 143 4.85 2.03 4.25
CA GLU A 143 4.60 2.37 5.65
C GLU A 143 3.15 2.82 5.85
N ALA A 144 2.71 3.77 5.03
CA ALA A 144 1.34 4.27 5.12
C ALA A 144 0.37 3.11 5.05
N LEU A 145 0.65 2.17 4.14
CA LEU A 145 -0.18 0.99 3.99
C LEU A 145 -0.09 0.09 5.20
N THR A 146 1.13 -0.36 5.49
CA THR A 146 1.38 -1.22 6.63
C THR A 146 0.76 -0.62 7.89
N LYS A 147 1.12 0.62 8.18
CA LYS A 147 0.60 1.32 9.35
C LYS A 147 -0.93 1.23 9.40
N HIS A 148 -1.56 1.20 8.23
CA HIS A 148 -3.01 1.13 8.14
C HIS A 148 -3.51 -0.32 8.25
N PHE A 149 -2.59 -1.26 8.42
CA PHE A 149 -2.95 -2.67 8.54
C PHE A 149 -1.97 -3.42 9.45
N GLN A 150 -1.28 -2.68 10.31
CA GLN A 150 -0.32 -3.28 11.22
C GLN A 150 -1.02 -4.07 12.33
N ASP A 151 -0.24 -4.75 13.15
CA ASP A 151 -0.79 -5.54 14.24
C ASP A 151 -1.12 -4.66 15.44
N LYS A 98 -10.07 -4.13 -12.72
CA LYS A 98 -9.18 -3.31 -11.83
C LYS A 98 -9.57 -3.49 -10.36
N VAL A 99 -8.63 -3.99 -9.57
CA VAL A 99 -8.87 -4.20 -8.15
C VAL A 99 -8.88 -2.88 -7.39
N GLU A 100 -7.98 -1.98 -7.79
CA GLU A 100 -7.87 -0.66 -7.15
C GLU A 100 -7.37 -0.77 -5.72
N TYR A 101 -6.84 -1.94 -5.36
CA TYR A 101 -6.31 -2.16 -4.01
C TYR A 101 -7.36 -1.80 -2.96
N SER A 102 -8.25 -2.74 -2.68
CA SER A 102 -9.30 -2.53 -1.69
C SER A 102 -8.74 -2.59 -0.28
N GLU A 103 -8.02 -3.67 -0.01
CA GLU A 103 -7.41 -3.88 1.31
C GLU A 103 -6.99 -5.34 1.47
N GLU A 104 -7.79 -6.24 0.93
CA GLU A 104 -7.51 -7.67 1.00
C GLU A 104 -6.14 -8.00 0.43
N GLU A 105 -5.93 -7.69 -0.84
CA GLU A 105 -4.65 -7.95 -1.47
C GLU A 105 -3.56 -7.20 -0.72
N LEU A 106 -3.88 -5.97 -0.32
CA LEU A 106 -2.94 -5.15 0.43
C LEU A 106 -2.55 -5.84 1.72
N LYS A 107 -3.57 -6.26 2.49
CA LYS A 107 -3.33 -6.95 3.75
C LYS A 107 -2.41 -8.15 3.52
N THR A 108 -2.73 -8.93 2.50
CA THR A 108 -1.93 -10.09 2.15
C THR A 108 -0.50 -9.67 1.86
N HIS A 109 -0.37 -8.56 1.14
CA HIS A 109 0.92 -8.01 0.79
C HIS A 109 1.69 -7.66 2.06
N ILE A 110 1.03 -6.95 2.97
CA ILE A 110 1.63 -6.57 4.24
C ILE A 110 2.12 -7.79 5.01
N SER A 111 1.25 -8.81 5.11
CA SER A 111 1.58 -10.03 5.84
C SER A 111 2.91 -10.63 5.34
N LYS A 112 2.87 -11.23 4.15
CA LYS A 112 4.05 -11.85 3.57
C LYS A 112 5.17 -10.84 3.36
N GLY A 113 4.98 -9.94 2.39
CA GLY A 113 5.98 -8.94 2.11
C GLY A 113 6.09 -8.61 0.63
N THR A 114 4.97 -8.61 -0.06
CA THR A 114 4.94 -8.30 -1.49
C THR A 114 4.50 -6.86 -1.73
N LEU A 115 4.00 -6.21 -0.67
CA LEU A 115 3.56 -4.83 -0.79
C LEU A 115 4.71 -3.93 -1.25
N GLY A 116 5.94 -4.40 -1.05
CA GLY A 116 7.11 -3.64 -1.47
C GLY A 116 7.54 -3.97 -2.88
N LYS A 117 6.65 -4.61 -3.65
CA LYS A 117 6.95 -4.97 -5.02
C LYS A 117 6.56 -3.85 -5.97
N PHE A 118 5.35 -3.32 -5.78
CA PHE A 118 4.83 -2.23 -6.60
C PHE A 118 5.85 -1.10 -6.74
N THR A 119 5.75 -0.37 -7.84
CA THR A 119 6.66 0.74 -8.12
C THR A 119 6.34 1.96 -7.25
N VAL A 120 5.35 2.73 -7.69
CA VAL A 120 4.93 3.94 -6.99
C VAL A 120 3.53 4.34 -7.42
N PRO A 121 3.33 4.70 -8.71
CA PRO A 121 2.01 5.07 -9.22
C PRO A 121 0.96 4.02 -8.86
N MET A 122 1.43 2.79 -8.67
CA MET A 122 0.55 1.69 -8.31
C MET A 122 0.24 1.77 -6.82
N LEU A 123 1.27 2.05 -6.03
CA LEU A 123 1.13 2.18 -4.58
C LEU A 123 0.21 3.34 -4.24
N LYS A 124 0.40 4.47 -4.92
CA LYS A 124 -0.42 5.65 -4.70
C LYS A 124 -1.90 5.29 -4.77
N GLU A 125 -2.23 4.35 -5.65
CA GLU A 125 -3.61 3.91 -5.82
C GLU A 125 -4.21 3.44 -4.49
N ALA A 126 -3.54 2.50 -3.84
CA ALA A 126 -4.00 1.98 -2.56
C ALA A 126 -4.10 3.11 -1.55
N CYS A 127 -3.07 3.95 -1.51
CA CYS A 127 -3.05 5.09 -0.60
C CYS A 127 -4.23 6.02 -0.88
N ARG A 128 -4.51 6.23 -2.16
CA ARG A 128 -5.63 7.07 -2.57
C ARG A 128 -6.94 6.50 -2.05
N ALA A 129 -7.04 5.17 -2.06
CA ALA A 129 -8.23 4.49 -1.58
C ALA A 129 -8.27 4.49 -0.06
N TYR A 130 -7.09 4.52 0.56
CA TYR A 130 -6.99 4.52 2.01
C TYR A 130 -7.15 5.94 2.55
N GLY A 131 -6.71 6.92 1.78
CA GLY A 131 -6.81 8.31 2.21
C GLY A 131 -5.62 8.76 3.04
N LEU A 132 -4.53 8.00 2.98
CA LEU A 132 -3.33 8.32 3.74
C LEU A 132 -2.49 9.36 3.01
N LYS A 133 -1.25 9.53 3.45
CA LYS A 133 -0.34 10.49 2.84
C LYS A 133 1.03 9.85 2.60
N SER A 134 1.09 9.01 1.57
CA SER A 134 2.33 8.31 1.23
C SER A 134 3.33 9.25 0.56
N GLY A 135 4.47 8.70 0.13
CA GLY A 135 5.49 9.51 -0.52
C GLY A 135 5.67 9.16 -1.98
N LEU A 136 6.36 10.03 -2.71
CA LEU A 136 6.61 9.83 -4.12
C LEU A 136 7.80 8.89 -4.35
N LYS A 137 8.41 8.41 -3.27
CA LYS A 137 9.55 7.51 -3.36
C LYS A 137 9.09 6.09 -3.69
N LYS A 138 8.55 5.39 -2.70
CA LYS A 138 8.07 4.03 -2.86
C LYS A 138 7.81 3.38 -1.50
N GLN A 139 8.88 3.06 -0.78
CA GLN A 139 8.76 2.45 0.54
C GLN A 139 7.80 3.24 1.44
N GLU A 140 7.74 4.54 1.22
CA GLU A 140 6.87 5.40 2.00
C GLU A 140 5.41 4.96 1.87
N LEU A 141 5.02 4.57 0.67
CA LEU A 141 3.67 4.11 0.41
C LEU A 141 3.38 2.88 1.25
N LEU A 142 4.34 1.96 1.28
CA LEU A 142 4.21 0.74 2.06
C LEU A 142 3.83 1.08 3.50
N GLU A 143 4.62 1.95 4.12
CA GLU A 143 4.37 2.37 5.49
C GLU A 143 2.93 2.82 5.67
N ALA A 144 2.49 3.74 4.82
CA ALA A 144 1.12 4.24 4.88
C ALA A 144 0.14 3.08 4.87
N LEU A 145 0.39 2.12 4.00
CA LEU A 145 -0.46 0.94 3.89
C LEU A 145 -0.34 0.09 5.15
N THR A 146 0.88 -0.31 5.45
CA THR A 146 1.16 -1.12 6.63
C THR A 146 0.53 -0.50 7.88
N LYS A 147 0.88 0.75 8.16
CA LYS A 147 0.32 1.45 9.31
C LYS A 147 -1.20 1.33 9.35
N HIS A 148 -1.81 1.25 8.17
CA HIS A 148 -3.27 1.14 8.07
C HIS A 148 -3.75 -0.26 8.43
N PHE A 149 -2.82 -1.19 8.59
CA PHE A 149 -3.17 -2.57 8.93
C PHE A 149 -2.09 -3.21 9.80
N GLN A 150 -1.40 -2.38 10.58
CA GLN A 150 -0.35 -2.86 11.46
C GLN A 150 -0.93 -3.63 12.65
N ASP A 151 -0.06 -4.13 13.50
CA ASP A 151 -0.49 -4.89 14.68
C ASP A 151 0.61 -4.93 15.73
N LYS A 98 -11.05 1.98 -11.12
CA LYS A 98 -10.45 0.72 -10.65
C LYS A 98 -9.91 0.85 -9.23
N VAL A 99 -9.94 -0.25 -8.49
CA VAL A 99 -9.46 -0.26 -7.11
C VAL A 99 -9.15 -1.69 -6.67
N GLU A 100 -8.01 -2.21 -7.12
CA GLU A 100 -7.59 -3.57 -6.78
C GLU A 100 -7.06 -3.62 -5.35
N TYR A 101 -6.39 -2.56 -4.94
CA TYR A 101 -5.81 -2.49 -3.60
C TYR A 101 -6.87 -2.08 -2.58
N SER A 102 -7.87 -2.94 -2.41
CA SER A 102 -8.95 -2.68 -1.46
C SER A 102 -8.48 -2.88 -0.03
N GLU A 103 -7.79 -4.00 0.19
CA GLU A 103 -7.25 -4.34 1.51
C GLU A 103 -6.81 -5.79 1.54
N GLU A 104 -7.61 -6.68 0.95
CA GLU A 104 -7.29 -8.10 0.90
C GLU A 104 -5.92 -8.33 0.28
N GLU A 105 -5.72 -7.83 -0.93
CA GLU A 105 -4.44 -7.97 -1.61
C GLU A 105 -3.35 -7.32 -0.77
N LEU A 106 -3.68 -6.16 -0.21
CA LEU A 106 -2.76 -5.44 0.64
C LEU A 106 -2.35 -6.29 1.83
N LYS A 107 -3.35 -6.81 2.55
CA LYS A 107 -3.09 -7.67 3.71
C LYS A 107 -2.18 -8.81 3.32
N THR A 108 -2.49 -9.45 2.20
CA THR A 108 -1.68 -10.55 1.70
C THR A 108 -0.26 -10.06 1.45
N HIS A 109 -0.17 -8.88 0.85
CA HIS A 109 1.11 -8.26 0.57
C HIS A 109 1.87 -8.02 1.87
N ILE A 110 1.21 -7.37 2.83
CA ILE A 110 1.84 -7.09 4.11
C ILE A 110 2.27 -8.40 4.79
N SER A 111 1.39 -9.40 4.77
CA SER A 111 1.68 -10.69 5.36
C SER A 111 2.95 -11.30 4.77
N LYS A 112 2.90 -11.58 3.48
CA LYS A 112 4.04 -12.15 2.77
C LYS A 112 5.24 -11.21 2.81
N GLY A 113 5.01 -9.96 2.43
CA GLY A 113 6.07 -8.97 2.42
C GLY A 113 6.40 -8.48 1.02
N THR A 114 5.43 -8.59 0.12
CA THR A 114 5.61 -8.15 -1.26
C THR A 114 4.96 -6.78 -1.51
N LEU A 115 4.36 -6.21 -0.47
CA LEU A 115 3.71 -4.90 -0.59
C LEU A 115 4.71 -3.85 -1.03
N GLY A 116 5.98 -4.05 -0.72
CA GLY A 116 7.01 -3.10 -1.10
C GLY A 116 7.67 -3.44 -2.42
N LYS A 117 7.06 -4.36 -3.16
CA LYS A 117 7.59 -4.77 -4.46
C LYS A 117 6.99 -3.91 -5.58
N PHE A 118 5.66 -3.84 -5.60
CA PHE A 118 4.95 -3.06 -6.62
C PHE A 118 5.58 -1.68 -6.78
N THR A 119 5.34 -1.06 -7.94
CA THR A 119 5.87 0.26 -8.23
C THR A 119 5.14 1.33 -7.42
N VAL A 120 5.37 2.58 -7.78
CA VAL A 120 4.74 3.71 -7.10
C VAL A 120 3.28 3.87 -7.53
N PRO A 121 3.02 4.09 -8.83
CA PRO A 121 1.64 4.24 -9.34
C PRO A 121 0.70 3.18 -8.79
N MET A 122 1.24 2.02 -8.50
CA MET A 122 0.45 0.92 -7.95
C MET A 122 0.22 1.13 -6.46
N LEU A 123 1.29 1.51 -5.77
CA LEU A 123 1.23 1.77 -4.33
C LEU A 123 0.33 2.95 -4.03
N LYS A 124 0.63 4.10 -4.63
CA LYS A 124 -0.18 5.30 -4.41
C LYS A 124 -1.66 5.00 -4.61
N GLU A 125 -1.95 4.01 -5.46
CA GLU A 125 -3.33 3.62 -5.73
C GLU A 125 -4.04 3.24 -4.44
N ALA A 126 -3.45 2.33 -3.68
CA ALA A 126 -4.03 1.89 -2.42
C ALA A 126 -4.19 3.07 -1.47
N CYS A 127 -3.13 3.85 -1.34
CA CYS A 127 -3.15 5.02 -0.48
C CYS A 127 -4.20 6.02 -0.96
N ARG A 128 -4.29 6.19 -2.28
CA ARG A 128 -5.26 7.11 -2.85
C ARG A 128 -6.69 6.69 -2.51
N ALA A 129 -6.91 5.39 -2.47
CA ALA A 129 -8.23 4.86 -2.15
C ALA A 129 -8.55 5.06 -0.68
N TYR A 130 -7.57 4.78 0.17
CA TYR A 130 -7.75 4.94 1.61
C TYR A 130 -7.38 6.36 2.07
N GLY A 131 -7.15 7.26 1.12
CA GLY A 131 -6.79 8.63 1.44
C GLY A 131 -5.58 8.72 2.35
N LEU A 132 -4.56 7.94 2.05
CA LEU A 132 -3.33 7.94 2.85
C LEU A 132 -2.43 9.11 2.47
N LYS A 133 -1.27 9.17 3.11
CA LYS A 133 -0.32 10.24 2.84
C LYS A 133 0.76 9.78 1.86
N SER A 134 1.26 8.58 2.08
CA SER A 134 2.29 7.99 1.22
C SER A 134 3.40 9.00 0.94
N GLY A 135 4.22 8.70 -0.08
CA GLY A 135 5.32 9.59 -0.43
C GLY A 135 5.47 9.76 -1.92
N LEU A 136 6.54 9.18 -2.47
CA LEU A 136 6.80 9.28 -3.91
C LEU A 136 7.75 8.18 -4.39
N LYS A 137 8.67 7.77 -3.52
CA LYS A 137 9.64 6.74 -3.87
C LYS A 137 9.01 5.34 -3.86
N LYS A 138 8.61 4.89 -2.67
CA LYS A 138 7.98 3.58 -2.52
C LYS A 138 7.77 3.24 -1.05
N GLN A 139 8.87 3.09 -0.31
CA GLN A 139 8.79 2.77 1.11
C GLN A 139 7.77 3.64 1.83
N GLU A 140 7.65 4.88 1.40
CA GLU A 140 6.71 5.82 2.00
C GLU A 140 5.29 5.29 1.87
N LEU A 141 4.94 4.79 0.69
CA LEU A 141 3.62 4.24 0.45
C LEU A 141 3.40 3.06 1.37
N LEU A 142 4.41 2.21 1.49
CA LEU A 142 4.34 1.05 2.36
C LEU A 142 3.87 1.45 3.75
N GLU A 143 4.52 2.46 4.32
CA GLU A 143 4.16 2.94 5.65
C GLU A 143 2.67 3.21 5.75
N ALA A 144 2.16 4.04 4.84
CA ALA A 144 0.74 4.38 4.83
C ALA A 144 -0.12 3.13 4.78
N LEU A 145 0.28 2.19 3.93
CA LEU A 145 -0.45 0.94 3.80
C LEU A 145 -0.30 0.09 5.06
N THR A 146 0.95 -0.06 5.49
CA THR A 146 1.26 -0.85 6.68
C THR A 146 0.41 -0.39 7.86
N LYS A 147 0.58 0.87 8.26
CA LYS A 147 -0.19 1.42 9.37
C LYS A 147 -1.68 1.11 9.22
N HIS A 148 -2.13 0.97 7.97
CA HIS A 148 -3.53 0.68 7.70
C HIS A 148 -3.89 -0.77 8.05
N PHE A 149 -2.87 -1.63 8.07
CA PHE A 149 -3.08 -3.03 8.40
C PHE A 149 -1.86 -3.62 9.11
N GLN A 150 -1.32 -2.87 10.07
CA GLN A 150 -0.16 -3.31 10.82
C GLN A 150 0.06 -2.45 12.06
N ASP A 151 -0.39 -2.95 13.21
CA ASP A 151 -0.26 -2.22 14.46
C ASP A 151 -0.93 -0.85 14.38
N LYS A 98 -9.60 -4.88 -11.55
CA LYS A 98 -8.89 -6.14 -11.17
C LYS A 98 -8.80 -6.30 -9.65
N VAL A 99 -8.67 -5.18 -8.96
CA VAL A 99 -8.58 -5.18 -7.51
C VAL A 99 -8.91 -3.80 -6.95
N GLU A 100 -8.22 -2.78 -7.45
CA GLU A 100 -8.44 -1.40 -7.01
C GLU A 100 -7.82 -1.15 -5.64
N TYR A 101 -7.03 -2.11 -5.15
CA TYR A 101 -6.39 -1.99 -3.86
C TYR A 101 -7.39 -1.59 -2.77
N SER A 102 -8.35 -2.47 -2.52
CA SER A 102 -9.37 -2.22 -1.51
C SER A 102 -8.77 -2.34 -0.12
N GLU A 103 -8.10 -3.47 0.12
CA GLU A 103 -7.46 -3.75 1.39
C GLU A 103 -7.11 -5.24 1.49
N GLU A 104 -7.97 -6.07 0.91
CA GLU A 104 -7.76 -7.51 0.93
C GLU A 104 -6.41 -7.87 0.31
N GLU A 105 -6.22 -7.51 -0.95
CA GLU A 105 -4.97 -7.79 -1.64
C GLU A 105 -3.82 -7.12 -0.88
N LEU A 106 -4.09 -5.91 -0.41
CA LEU A 106 -3.11 -5.16 0.36
C LEU A 106 -2.73 -5.92 1.62
N LYS A 107 -3.74 -6.34 2.38
CA LYS A 107 -3.52 -7.10 3.60
C LYS A 107 -2.65 -8.32 3.30
N THR A 108 -3.02 -9.04 2.26
CA THR A 108 -2.28 -10.22 1.84
C THR A 108 -0.84 -9.82 1.54
N HIS A 109 -0.69 -8.73 0.81
CA HIS A 109 0.62 -8.21 0.45
C HIS A 109 1.41 -7.90 1.73
N ILE A 110 0.78 -7.14 2.63
CA ILE A 110 1.41 -6.77 3.89
C ILE A 110 1.82 -8.01 4.66
N SER A 111 0.93 -9.00 4.73
CA SER A 111 1.19 -10.25 5.44
C SER A 111 2.50 -10.88 4.98
N LYS A 112 2.50 -11.40 3.75
CA LYS A 112 3.69 -12.05 3.20
C LYS A 112 4.85 -11.06 3.09
N GLY A 113 4.83 -10.23 2.05
CA GLY A 113 5.88 -9.25 1.87
C GLY A 113 6.01 -8.80 0.43
N THR A 114 4.88 -8.73 -0.28
CA THR A 114 4.87 -8.29 -1.67
C THR A 114 4.37 -6.85 -1.79
N LEU A 115 3.80 -6.34 -0.71
CA LEU A 115 3.28 -4.97 -0.70
C LEU A 115 4.40 -3.96 -1.00
N GLY A 116 5.63 -4.34 -0.68
CA GLY A 116 6.76 -3.46 -0.92
C GLY A 116 7.38 -3.69 -2.28
N LYS A 117 6.70 -4.45 -3.14
CA LYS A 117 7.21 -4.73 -4.47
C LYS A 117 6.68 -3.70 -5.47
N PHE A 118 5.37 -3.44 -5.40
CA PHE A 118 4.73 -2.48 -6.30
C PHE A 118 5.51 -1.16 -6.36
N THR A 119 5.49 -0.53 -7.52
CA THR A 119 6.18 0.73 -7.73
C THR A 119 5.46 1.88 -7.03
N VAL A 120 5.90 3.09 -7.32
CA VAL A 120 5.32 4.29 -6.73
C VAL A 120 3.98 4.63 -7.37
N PRO A 121 3.93 4.82 -8.71
CA PRO A 121 2.68 5.15 -9.41
C PRO A 121 1.53 4.25 -9.00
N MET A 122 1.84 2.98 -8.75
CA MET A 122 0.82 2.01 -8.34
C MET A 122 0.54 2.12 -6.85
N LEU A 123 1.57 2.44 -6.08
CA LEU A 123 1.44 2.58 -4.63
C LEU A 123 0.49 3.71 -4.26
N LYS A 124 0.74 4.91 -4.81
CA LYS A 124 -0.10 6.06 -4.50
C LYS A 124 -1.59 5.71 -4.68
N GLU A 125 -1.87 4.79 -5.60
CA GLU A 125 -3.24 4.36 -5.85
C GLU A 125 -3.87 3.84 -4.56
N ALA A 126 -3.22 2.86 -3.94
CA ALA A 126 -3.73 2.29 -2.69
C ALA A 126 -3.85 3.37 -1.63
N CYS A 127 -2.86 4.27 -1.60
CA CYS A 127 -2.86 5.36 -0.63
C CYS A 127 -4.09 6.24 -0.83
N ARG A 128 -4.45 6.48 -2.08
CA ARG A 128 -5.60 7.30 -2.40
C ARG A 128 -6.88 6.66 -1.86
N ALA A 129 -6.92 5.33 -1.91
CA ALA A 129 -8.08 4.58 -1.41
C ALA A 129 -8.08 4.54 0.11
N TYR A 130 -6.88 4.52 0.69
CA TYR A 130 -6.73 4.49 2.14
C TYR A 130 -6.81 5.89 2.73
N GLY A 131 -6.50 6.90 1.92
CA GLY A 131 -6.53 8.27 2.38
C GLY A 131 -5.28 8.67 3.12
N LEU A 132 -4.18 7.97 2.85
CA LEU A 132 -2.90 8.25 3.50
C LEU A 132 -2.19 9.41 2.82
N LYS A 133 -1.11 9.88 3.45
CA LYS A 133 -0.34 11.00 2.92
C LYS A 133 1.04 10.52 2.47
N SER A 134 1.10 9.95 1.27
CA SER A 134 2.35 9.45 0.73
C SER A 134 2.28 9.32 -0.80
N GLY A 135 3.30 8.70 -1.38
CA GLY A 135 3.32 8.53 -2.83
C GLY A 135 4.37 9.40 -3.50
N LEU A 136 5.58 9.38 -2.97
CA LEU A 136 6.67 10.18 -3.54
C LEU A 136 8.05 9.62 -3.13
N LYS A 137 8.08 8.36 -2.71
CA LYS A 137 9.33 7.72 -2.30
C LYS A 137 9.24 6.20 -2.36
N LYS A 138 8.12 5.68 -2.87
CA LYS A 138 7.92 4.23 -2.98
C LYS A 138 7.74 3.62 -1.59
N GLN A 139 8.84 3.34 -0.90
CA GLN A 139 8.79 2.75 0.43
C GLN A 139 7.81 3.50 1.32
N GLU A 140 7.89 4.82 1.29
CA GLU A 140 7.00 5.66 2.12
C GLU A 140 5.55 5.21 1.99
N LEU A 141 5.16 4.82 0.79
CA LEU A 141 3.80 4.35 0.56
C LEU A 141 3.56 3.08 1.36
N LEU A 142 4.53 2.17 1.34
CA LEU A 142 4.44 0.93 2.09
C LEU A 142 4.08 1.22 3.54
N GLU A 143 4.87 2.09 4.18
CA GLU A 143 4.65 2.46 5.57
C GLU A 143 3.21 2.88 5.78
N ALA A 144 2.74 3.82 4.97
CA ALA A 144 1.36 4.30 5.07
C ALA A 144 0.38 3.13 5.03
N LEU A 145 0.64 2.20 4.12
CA LEU A 145 -0.21 1.03 3.98
C LEU A 145 -0.10 0.14 5.21
N THR A 146 1.13 -0.23 5.54
CA THR A 146 1.39 -1.07 6.69
C THR A 146 0.70 -0.51 7.93
N LYS A 147 1.05 0.73 8.29
CA LYS A 147 0.45 1.39 9.44
C LYS A 147 -1.07 1.26 9.42
N HIS A 148 -1.64 1.22 8.22
CA HIS A 148 -3.09 1.12 8.06
C HIS A 148 -3.60 -0.27 8.38
N PHE A 149 -2.70 -1.25 8.39
CA PHE A 149 -3.08 -2.64 8.68
C PHE A 149 -1.95 -3.37 9.41
N GLN A 150 -1.28 -2.65 10.30
CA GLN A 150 -0.19 -3.23 11.07
C GLN A 150 -0.71 -4.20 12.12
N ASP A 151 0.15 -4.59 13.05
CA ASP A 151 -0.22 -5.51 14.12
C ASP A 151 0.73 -5.41 15.30
N LYS A 98 -9.93 -6.54 -10.81
CA LYS A 98 -8.90 -6.72 -9.76
C LYS A 98 -8.08 -5.45 -9.57
N VAL A 99 -6.87 -5.59 -9.02
CA VAL A 99 -5.98 -4.45 -8.79
C VAL A 99 -6.74 -3.26 -8.19
N GLU A 100 -7.79 -3.58 -7.44
CA GLU A 100 -8.61 -2.54 -6.81
C GLU A 100 -7.91 -1.94 -5.60
N TYR A 101 -7.15 -2.77 -4.90
CA TYR A 101 -6.42 -2.32 -3.71
C TYR A 101 -7.39 -1.77 -2.66
N SER A 102 -8.46 -2.51 -2.42
CA SER A 102 -9.46 -2.11 -1.45
C SER A 102 -8.93 -2.26 -0.04
N GLU A 103 -8.24 -3.37 0.21
CA GLU A 103 -7.66 -3.67 1.51
C GLU A 103 -7.30 -5.14 1.62
N GLU A 104 -8.19 -6.00 1.16
CA GLU A 104 -7.96 -7.44 1.20
C GLU A 104 -6.66 -7.82 0.52
N GLU A 105 -6.52 -7.43 -0.75
CA GLU A 105 -5.31 -7.71 -1.49
C GLU A 105 -4.12 -7.07 -0.79
N LEU A 106 -4.34 -5.86 -0.30
CA LEU A 106 -3.30 -5.13 0.42
C LEU A 106 -2.86 -5.91 1.65
N LYS A 107 -3.84 -6.31 2.47
CA LYS A 107 -3.55 -7.09 3.67
C LYS A 107 -2.73 -8.32 3.31
N THR A 108 -3.19 -9.03 2.28
CA THR A 108 -2.49 -10.23 1.81
C THR A 108 -1.06 -9.86 1.43
N HIS A 109 -0.92 -8.73 0.75
CA HIS A 109 0.39 -8.25 0.34
C HIS A 109 1.27 -8.03 1.56
N ILE A 110 0.72 -7.33 2.55
CA ILE A 110 1.44 -7.05 3.79
C ILE A 110 1.89 -8.35 4.46
N SER A 111 0.95 -9.28 4.59
CA SER A 111 1.23 -10.57 5.22
C SER A 111 2.43 -11.26 4.57
N LYS A 112 2.30 -11.61 3.29
CA LYS A 112 3.37 -12.27 2.57
C LYS A 112 4.64 -11.43 2.53
N GLY A 113 4.47 -10.15 2.21
CA GLY A 113 5.61 -9.25 2.14
C GLY A 113 5.83 -8.69 0.74
N THR A 114 4.80 -8.72 -0.08
CA THR A 114 4.88 -8.22 -1.45
C THR A 114 4.33 -6.80 -1.54
N LEU A 115 3.72 -6.33 -0.46
CA LEU A 115 3.16 -4.97 -0.43
C LEU A 115 4.25 -3.95 -0.70
N GLY A 116 5.49 -4.28 -0.32
CA GLY A 116 6.61 -3.38 -0.53
C GLY A 116 7.21 -3.52 -1.92
N LYS A 117 6.53 -4.26 -2.79
CA LYS A 117 7.01 -4.47 -4.15
C LYS A 117 6.40 -3.48 -5.14
N PHE A 118 5.10 -3.19 -4.97
CA PHE A 118 4.39 -2.27 -5.85
C PHE A 118 5.18 -0.99 -6.13
N THR A 119 5.04 -0.49 -7.35
CA THR A 119 5.73 0.73 -7.76
C THR A 119 5.06 1.95 -7.14
N VAL A 120 5.48 3.14 -7.56
CA VAL A 120 4.93 4.38 -7.02
C VAL A 120 3.54 4.68 -7.60
N PRO A 121 3.36 4.55 -8.94
CA PRO A 121 2.06 4.81 -9.57
C PRO A 121 0.97 3.89 -9.05
N MET A 122 1.38 2.69 -8.64
CA MET A 122 0.44 1.70 -8.11
C MET A 122 0.15 1.98 -6.65
N LEU A 123 1.19 2.37 -5.93
CA LEU A 123 1.09 2.70 -4.51
C LEU A 123 0.12 3.85 -4.27
N LYS A 124 0.18 4.85 -5.13
CA LYS A 124 -0.70 6.01 -5.02
C LYS A 124 -2.16 5.59 -4.93
N GLU A 125 -2.53 4.61 -5.74
CA GLU A 125 -3.90 4.10 -5.77
C GLU A 125 -4.35 3.63 -4.38
N ALA A 126 -3.56 2.74 -3.78
CA ALA A 126 -3.87 2.22 -2.46
C ALA A 126 -4.04 3.35 -1.45
N CYS A 127 -3.06 4.24 -1.41
CA CYS A 127 -3.11 5.38 -0.49
C CYS A 127 -4.36 6.22 -0.77
N ARG A 128 -4.70 6.35 -2.05
CA ARG A 128 -5.86 7.12 -2.44
C ARG A 128 -7.13 6.49 -1.88
N ALA A 129 -7.15 5.16 -1.86
CA ALA A 129 -8.30 4.42 -1.33
C ALA A 129 -8.29 4.42 0.19
N TYR A 130 -7.08 4.52 0.77
CA TYR A 130 -6.93 4.53 2.22
C TYR A 130 -7.18 5.92 2.78
N GLY A 131 -6.74 6.94 2.05
CA GLY A 131 -6.93 8.31 2.51
C GLY A 131 -5.68 8.90 3.14
N LEU A 132 -4.53 8.29 2.89
CA LEU A 132 -3.27 8.78 3.44
C LEU A 132 -2.73 9.93 2.61
N LYS A 133 -1.46 10.28 2.85
CA LYS A 133 -0.83 11.37 2.12
C LYS A 133 -0.04 10.84 0.94
N SER A 134 0.71 9.77 1.18
CA SER A 134 1.52 9.15 0.13
C SER A 134 2.53 10.14 -0.48
N GLY A 135 3.74 9.68 -0.71
CA GLY A 135 4.76 10.55 -1.30
C GLY A 135 6.16 10.24 -0.81
N LEU A 136 7.07 11.16 -1.07
CA LEU A 136 8.47 11.01 -0.68
C LEU A 136 9.14 9.91 -1.48
N LYS A 137 8.72 8.68 -1.26
CA LYS A 137 9.27 7.54 -1.97
C LYS A 137 8.35 6.33 -1.86
N LYS A 138 8.43 5.45 -2.86
CA LYS A 138 7.61 4.23 -2.89
C LYS A 138 7.59 3.55 -1.52
N GLN A 139 8.79 3.27 -0.99
CA GLN A 139 8.91 2.63 0.31
C GLN A 139 8.00 3.32 1.32
N GLU A 140 7.99 4.64 1.28
CA GLU A 140 7.14 5.41 2.18
C GLU A 140 5.68 5.06 1.92
N LEU A 141 5.33 4.94 0.64
CA LEU A 141 3.98 4.57 0.26
C LEU A 141 3.68 3.19 0.80
N LEU A 142 4.54 2.24 0.46
CA LEU A 142 4.40 0.87 0.92
C LEU A 142 4.29 0.86 2.44
N GLU A 143 5.24 1.52 3.09
CA GLU A 143 5.26 1.60 4.55
C GLU A 143 3.93 2.16 5.06
N ALA A 144 3.49 3.26 4.47
CA ALA A 144 2.23 3.88 4.87
C ALA A 144 1.12 2.83 4.85
N LEU A 145 1.11 2.02 3.80
CA LEU A 145 0.13 0.96 3.66
C LEU A 145 0.29 -0.07 4.78
N THR A 146 1.45 -0.71 4.79
CA THR A 146 1.75 -1.70 5.81
C THR A 146 1.44 -1.15 7.20
N LYS A 147 2.07 -0.03 7.53
CA LYS A 147 1.86 0.61 8.82
C LYS A 147 0.37 0.73 9.13
N HIS A 148 -0.45 0.86 8.09
CA HIS A 148 -1.89 0.99 8.26
C HIS A 148 -2.51 -0.29 8.84
N PHE A 149 -2.23 -1.42 8.19
CA PHE A 149 -2.77 -2.70 8.64
C PHE A 149 -1.83 -3.40 9.63
N GLN A 150 -0.62 -2.87 9.77
CA GLN A 150 0.35 -3.45 10.69
C GLN A 150 -0.02 -3.16 12.14
N ASP A 151 -1.16 -3.70 12.58
CA ASP A 151 -1.63 -3.49 13.95
C ASP A 151 -1.74 -2.01 14.26
N LYS A 98 -8.71 0.59 -11.57
CA LYS A 98 -9.82 -0.13 -10.89
C LYS A 98 -9.52 -0.35 -9.41
N VAL A 99 -10.52 -0.79 -8.67
CA VAL A 99 -10.37 -1.04 -7.23
C VAL A 99 -9.58 -2.33 -6.99
N GLU A 100 -8.34 -2.35 -7.43
CA GLU A 100 -7.48 -3.52 -7.27
C GLU A 100 -6.98 -3.61 -5.83
N TYR A 101 -6.29 -2.57 -5.38
CA TYR A 101 -5.75 -2.53 -4.04
C TYR A 101 -6.82 -2.09 -3.05
N SER A 102 -7.81 -2.95 -2.84
CA SER A 102 -8.89 -2.65 -1.92
C SER A 102 -8.40 -2.71 -0.48
N GLU A 103 -7.82 -3.85 -0.12
CA GLU A 103 -7.28 -4.07 1.21
C GLU A 103 -6.89 -5.54 1.39
N GLU A 104 -7.68 -6.44 0.82
CA GLU A 104 -7.41 -7.87 0.91
C GLU A 104 -6.03 -8.19 0.36
N GLU A 105 -5.78 -7.79 -0.87
CA GLU A 105 -4.48 -8.03 -1.49
C GLU A 105 -3.41 -7.31 -0.69
N LEU A 106 -3.73 -6.09 -0.27
CA LEU A 106 -2.82 -5.29 0.53
C LEU A 106 -2.49 -6.01 1.82
N LYS A 107 -3.53 -6.46 2.53
CA LYS A 107 -3.36 -7.19 3.77
C LYS A 107 -2.41 -8.36 3.57
N THR A 108 -2.67 -9.14 2.52
CA THR A 108 -1.83 -10.29 2.21
C THR A 108 -0.41 -9.83 1.94
N HIS A 109 -0.28 -8.72 1.21
CA HIS A 109 1.01 -8.16 0.90
C HIS A 109 1.74 -7.85 2.19
N ILE A 110 1.05 -7.13 3.08
CA ILE A 110 1.62 -6.80 4.37
C ILE A 110 1.99 -8.08 5.12
N SER A 111 1.02 -8.96 5.29
CA SER A 111 1.22 -10.24 5.96
C SER A 111 2.11 -11.19 5.15
N LYS A 112 3.23 -10.67 4.64
CA LYS A 112 4.15 -11.48 3.85
C LYS A 112 5.40 -10.68 3.48
N GLY A 113 5.21 -9.56 2.78
CA GLY A 113 6.33 -8.74 2.39
C GLY A 113 6.38 -8.47 0.89
N THR A 114 5.22 -8.57 0.24
CA THR A 114 5.15 -8.33 -1.20
C THR A 114 4.63 -6.92 -1.50
N LEU A 115 4.13 -6.24 -0.47
CA LEU A 115 3.61 -4.89 -0.63
C LEU A 115 4.70 -3.96 -1.16
N GLY A 116 5.95 -4.35 -0.94
CA GLY A 116 7.07 -3.55 -1.40
C GLY A 116 7.53 -3.94 -2.80
N LYS A 117 6.65 -4.64 -3.53
CA LYS A 117 6.97 -5.07 -4.88
C LYS A 117 6.51 -4.04 -5.89
N PHE A 118 5.21 -3.75 -5.87
CA PHE A 118 4.61 -2.78 -6.77
C PHE A 118 5.39 -1.47 -6.78
N THR A 119 5.33 -0.75 -7.89
CA THR A 119 6.04 0.52 -8.03
C THR A 119 5.33 1.62 -7.24
N VAL A 120 5.72 2.85 -7.49
CA VAL A 120 5.12 4.00 -6.82
C VAL A 120 3.74 4.34 -7.39
N PRO A 121 3.65 4.61 -8.71
CA PRO A 121 2.36 4.94 -9.34
C PRO A 121 1.26 3.95 -8.97
N MET A 122 1.65 2.70 -8.74
CA MET A 122 0.70 1.67 -8.36
C MET A 122 0.36 1.78 -6.88
N LEU A 123 1.37 2.08 -6.07
CA LEU A 123 1.18 2.23 -4.64
C LEU A 123 0.21 3.37 -4.34
N LYS A 124 0.32 4.44 -5.10
CA LYS A 124 -0.56 5.60 -4.91
C LYS A 124 -2.02 5.18 -4.93
N GLU A 125 -2.34 4.21 -5.78
CA GLU A 125 -3.71 3.71 -5.90
C GLU A 125 -4.25 3.25 -4.54
N ALA A 126 -3.48 2.38 -3.88
CA ALA A 126 -3.88 1.88 -2.57
C ALA A 126 -4.09 3.02 -1.58
N CYS A 127 -3.17 3.98 -1.62
CA CYS A 127 -3.25 5.14 -0.73
C CYS A 127 -4.56 5.91 -0.96
N ARG A 128 -4.96 6.01 -2.22
CA ARG A 128 -6.19 6.71 -2.58
C ARG A 128 -7.40 6.02 -1.95
N ALA A 129 -7.35 4.70 -1.89
CA ALA A 129 -8.44 3.92 -1.31
C ALA A 129 -8.35 3.91 0.22
N TYR A 130 -7.13 3.99 0.73
CA TYR A 130 -6.91 3.99 2.17
C TYR A 130 -7.07 5.39 2.76
N GLY A 131 -6.84 6.41 1.93
CA GLY A 131 -6.96 7.78 2.39
C GLY A 131 -5.68 8.29 3.01
N LEU A 132 -4.56 7.66 2.67
CA LEU A 132 -3.26 8.08 3.21
C LEU A 132 -2.71 9.27 2.44
N LYS A 133 -1.49 9.67 2.79
CA LYS A 133 -0.84 10.80 2.13
C LYS A 133 0.12 10.33 1.04
N SER A 134 0.84 9.25 1.32
CA SER A 134 1.79 8.69 0.36
C SER A 134 2.99 9.62 0.19
N GLY A 135 3.99 9.16 -0.56
CA GLY A 135 5.17 9.96 -0.79
C GLY A 135 5.67 9.87 -2.22
N LEU A 136 6.96 9.62 -2.39
CA LEU A 136 7.55 9.51 -3.72
C LEU A 136 8.85 8.72 -3.67
N LYS A 137 8.78 7.53 -3.10
CA LYS A 137 9.96 6.67 -2.97
C LYS A 137 9.59 5.19 -2.84
N LYS A 138 8.31 4.88 -3.06
CA LYS A 138 7.82 3.51 -2.97
C LYS A 138 7.70 3.08 -1.51
N GLN A 139 8.85 2.87 -0.86
CA GLN A 139 8.87 2.46 0.54
C GLN A 139 7.94 3.32 1.40
N GLU A 140 7.83 4.59 1.04
CA GLU A 140 6.97 5.53 1.79
C GLU A 140 5.52 5.09 1.71
N LEU A 141 5.07 4.73 0.52
CA LEU A 141 3.68 4.28 0.34
C LEU A 141 3.44 3.04 1.18
N LEU A 142 4.40 2.13 1.16
CA LEU A 142 4.30 0.91 1.95
C LEU A 142 3.99 1.24 3.41
N GLU A 143 4.80 2.11 4.00
CA GLU A 143 4.61 2.52 5.38
C GLU A 143 3.18 2.97 5.63
N ALA A 144 2.69 3.89 4.80
CA ALA A 144 1.33 4.39 4.92
C ALA A 144 0.35 3.23 4.94
N LEU A 145 0.55 2.29 4.03
CA LEU A 145 -0.32 1.12 3.94
C LEU A 145 -0.16 0.26 5.18
N THR A 146 1.08 -0.11 5.48
CA THR A 146 1.39 -0.93 6.63
C THR A 146 0.76 -0.34 7.89
N LYS A 147 1.15 0.89 8.23
CA LYS A 147 0.61 1.55 9.41
C LYS A 147 -0.92 1.46 9.43
N HIS A 148 -1.52 1.38 8.25
CA HIS A 148 -2.97 1.28 8.15
C HIS A 148 -3.46 -0.06 8.70
N PHE A 149 -2.97 -1.14 8.12
CA PHE A 149 -3.36 -2.47 8.56
C PHE A 149 -2.34 -3.05 9.56
N GLN A 150 -1.59 -2.16 10.20
CA GLN A 150 -0.58 -2.60 11.18
C GLN A 150 -1.26 -3.10 12.45
N ASP A 151 -0.70 -4.16 13.02
CA ASP A 151 -1.24 -4.74 14.24
C ASP A 151 -0.19 -5.58 14.97
N LYS A 98 -8.16 -7.92 -11.54
CA LYS A 98 -8.13 -6.50 -11.11
C LYS A 98 -7.57 -6.36 -9.69
N VAL A 99 -7.27 -5.13 -9.30
CA VAL A 99 -6.72 -4.85 -7.98
C VAL A 99 -6.91 -3.38 -7.61
N GLU A 100 -8.08 -3.05 -7.09
CA GLU A 100 -8.39 -1.68 -6.69
C GLU A 100 -7.69 -1.31 -5.38
N TYR A 101 -7.04 -2.29 -4.75
CA TYR A 101 -6.35 -2.04 -3.49
C TYR A 101 -7.33 -1.68 -2.39
N SER A 102 -8.29 -2.55 -2.14
CA SER A 102 -9.30 -2.32 -1.11
C SER A 102 -8.68 -2.49 0.27
N GLU A 103 -8.03 -3.64 0.48
CA GLU A 103 -7.39 -3.96 1.73
C GLU A 103 -6.97 -5.43 1.75
N GLU A 104 -7.79 -6.28 1.14
CA GLU A 104 -7.51 -7.70 1.08
C GLU A 104 -6.16 -7.96 0.42
N GLU A 105 -5.99 -7.51 -0.80
CA GLU A 105 -4.74 -7.68 -1.51
C GLU A 105 -3.62 -7.01 -0.73
N LEU A 106 -3.91 -5.82 -0.21
CA LEU A 106 -2.95 -5.07 0.57
C LEU A 106 -2.55 -5.88 1.81
N LYS A 107 -3.56 -6.38 2.52
CA LYS A 107 -3.34 -7.19 3.71
C LYS A 107 -2.39 -8.34 3.39
N THR A 108 -2.70 -9.05 2.32
CA THR A 108 -1.87 -10.17 1.89
C THR A 108 -0.45 -9.68 1.62
N HIS A 109 -0.36 -8.55 0.93
CA HIS A 109 0.92 -7.95 0.62
C HIS A 109 1.66 -7.61 1.91
N ILE A 110 0.97 -6.92 2.81
CA ILE A 110 1.55 -6.53 4.09
C ILE A 110 2.03 -7.77 4.86
N SER A 111 1.19 -8.80 4.88
CA SER A 111 1.53 -10.04 5.58
C SER A 111 2.87 -10.58 5.11
N LYS A 112 2.89 -11.15 3.91
CA LYS A 112 4.11 -11.72 3.34
C LYS A 112 5.18 -10.64 3.16
N GLY A 113 5.03 -9.81 2.14
CA GLY A 113 5.99 -8.76 1.88
C GLY A 113 6.09 -8.41 0.41
N THR A 114 4.96 -8.43 -0.28
CA THR A 114 4.93 -8.10 -1.70
C THR A 114 4.44 -6.67 -1.93
N LEU A 115 3.96 -6.04 -0.87
CA LEU A 115 3.46 -4.66 -0.96
C LEU A 115 4.56 -3.72 -1.46
N GLY A 116 5.82 -4.13 -1.27
CA GLY A 116 6.94 -3.32 -1.72
C GLY A 116 7.39 -3.69 -3.12
N LYS A 117 6.55 -4.44 -3.83
CA LYS A 117 6.87 -4.86 -5.19
C LYS A 117 6.30 -3.86 -6.20
N PHE A 118 4.99 -3.63 -6.11
CA PHE A 118 4.30 -2.70 -7.00
C PHE A 118 5.04 -1.37 -7.08
N THR A 119 4.86 -0.67 -8.20
CA THR A 119 5.51 0.62 -8.41
C THR A 119 4.86 1.70 -7.55
N VAL A 120 5.18 2.96 -7.85
CA VAL A 120 4.64 4.09 -7.11
C VAL A 120 3.20 4.39 -7.54
N PRO A 121 2.95 4.66 -8.83
CA PRO A 121 1.61 4.95 -9.33
C PRO A 121 0.58 3.94 -8.83
N MET A 122 1.03 2.71 -8.60
CA MET A 122 0.16 1.66 -8.11
C MET A 122 -0.03 1.78 -6.61
N LEU A 123 1.08 1.97 -5.90
CA LEU A 123 1.05 2.12 -4.45
C LEU A 123 0.22 3.34 -4.06
N LYS A 124 0.47 4.46 -4.74
CA LYS A 124 -0.26 5.69 -4.47
C LYS A 124 -1.78 5.44 -4.50
N GLU A 125 -2.19 4.49 -5.34
CA GLU A 125 -3.60 4.14 -5.46
C GLU A 125 -4.18 3.73 -4.12
N ALA A 126 -3.55 2.75 -3.47
CA ALA A 126 -4.01 2.28 -2.17
C ALA A 126 -4.05 3.44 -1.17
N CYS A 127 -2.97 4.22 -1.14
CA CYS A 127 -2.89 5.36 -0.26
C CYS A 127 -3.98 6.36 -0.58
N ARG A 128 -4.19 6.62 -1.86
CA ARG A 128 -5.22 7.55 -2.30
C ARG A 128 -6.61 7.06 -1.91
N ALA A 129 -6.77 5.74 -1.92
CA ALA A 129 -8.06 5.13 -1.57
C ALA A 129 -8.31 5.26 -0.06
N TYR A 130 -7.25 5.11 0.72
CA TYR A 130 -7.37 5.22 2.18
C TYR A 130 -7.29 6.68 2.63
N GLY A 131 -6.60 7.50 1.85
CA GLY A 131 -6.47 8.91 2.19
C GLY A 131 -5.19 9.20 2.94
N LEU A 132 -4.17 8.39 2.73
CA LEU A 132 -2.88 8.57 3.39
C LEU A 132 -2.05 9.65 2.68
N LYS A 133 -0.89 9.95 3.23
CA LYS A 133 0.00 10.95 2.66
C LYS A 133 1.08 10.29 1.81
N SER A 134 1.50 9.10 2.21
CA SER A 134 2.53 8.35 1.49
C SER A 134 3.73 9.23 1.16
N GLY A 135 4.66 8.68 0.39
CA GLY A 135 5.86 9.43 0.02
C GLY A 135 6.06 9.50 -1.48
N LEU A 136 6.86 10.47 -1.92
CA LEU A 136 7.12 10.63 -3.35
C LEU A 136 8.20 9.66 -3.83
N LYS A 137 8.77 8.90 -2.92
CA LYS A 137 9.81 7.93 -3.27
C LYS A 137 9.20 6.66 -3.84
N LYS A 138 8.60 5.85 -2.96
CA LYS A 138 7.98 4.60 -3.36
C LYS A 138 7.64 3.73 -2.15
N GLN A 139 8.68 3.24 -1.48
CA GLN A 139 8.50 2.41 -0.30
C GLN A 139 7.62 3.11 0.73
N GLU A 140 7.81 4.42 0.85
CA GLU A 140 7.05 5.22 1.81
C GLU A 140 5.56 4.87 1.78
N LEU A 141 5.08 4.48 0.60
CA LEU A 141 3.68 4.11 0.45
C LEU A 141 3.36 2.89 1.31
N LEU A 142 4.28 1.94 1.34
CA LEU A 142 4.12 0.74 2.15
C LEU A 142 3.74 1.10 3.58
N GLU A 143 4.56 1.96 4.19
CA GLU A 143 4.32 2.40 5.56
C GLU A 143 2.87 2.87 5.74
N ALA A 144 2.45 3.81 4.89
CA ALA A 144 1.09 4.32 4.96
C ALA A 144 0.10 3.17 4.94
N LEU A 145 0.34 2.21 4.05
CA LEU A 145 -0.52 1.05 3.93
C LEU A 145 -0.42 0.18 5.17
N THR A 146 0.79 -0.26 5.47
CA THR A 146 1.04 -1.10 6.63
C THR A 146 0.39 -0.50 7.87
N LYS A 147 0.72 0.76 8.15
CA LYS A 147 0.15 1.46 9.29
C LYS A 147 -1.37 1.28 9.36
N HIS A 148 -2.00 1.15 8.19
CA HIS A 148 -3.44 0.98 8.11
C HIS A 148 -3.87 -0.43 8.50
N PHE A 149 -2.93 -1.37 8.50
CA PHE A 149 -3.23 -2.76 8.85
C PHE A 149 -2.04 -3.41 9.55
N GLN A 150 -1.34 -2.63 10.37
CA GLN A 150 -0.18 -3.13 11.12
C GLN A 150 -0.60 -3.96 12.34
N ASP A 151 -1.81 -4.52 12.31
CA ASP A 151 -2.30 -5.33 13.42
C ASP A 151 -1.74 -6.74 13.35
#